data_3VYW
#
_entry.id   3VYW
#
_cell.length_a   55.487
_cell.length_b   107.581
_cell.length_c   117.711
_cell.angle_alpha   90.00
_cell.angle_beta   102.44
_cell.angle_gamma   90.00
#
_symmetry.space_group_name_H-M   'P 1 21 1'
#
loop_
_entity.id
_entity.type
_entity.pdbx_description
1 polymer MNMC2
2 non-polymer S-ADENOSYLMETHIONINE
3 non-polymer BENZAMIDINE
4 water water
#
_entity_poly.entity_id   1
_entity_poly.type   'polypeptide(L)'
_entity_poly.pdbx_seq_one_letter_code
;(MSE)KREEYLKNYLESYLRKKEVSLTEEEFNVILREFLRFAYNPEESGQEIADTADGSKTLIHKTYGEPYHSQTAGAIR
ESLYKFVRPSRILEKAKERKVIRILDVGFGLGYNLAVALKHLWEVNPKLRVEIISFEKELLKEFPILPEPYREIHEFLLE
RVPEYEGERLSLKVLLGDARKRIKEVENFKADAVFHDAFSPYKNPELWTLDFLSLIKERIDEKGYWVSYSSSLSVRKSLL
TLGFKVGSSREIGRKRKGTVASLKAPVPP(MSE)EENEVRKLVLSPFAVP(MSE)RDEKLDKEPLEILIDYLLKVYKISR
;
_entity_poly.pdbx_strand_id   A,B,C,D
#
# COMPACT_ATOMS: atom_id res chain seq x y z
N LYS A 2 12.47 45.76 -11.44
CA LYS A 2 13.21 45.66 -10.21
C LYS A 2 12.37 46.13 -9.04
N ARG A 3 12.42 45.35 -7.98
CA ARG A 3 11.58 45.52 -6.84
C ARG A 3 11.83 46.88 -6.26
N GLU A 4 13.08 47.24 -6.12
CA GLU A 4 13.45 48.47 -5.48
C GLU A 4 12.88 49.63 -6.24
N GLU A 5 13.01 49.58 -7.54
CA GLU A 5 12.52 50.59 -8.41
C GLU A 5 11.02 50.67 -8.36
N TYR A 6 10.35 49.54 -8.42
CA TYR A 6 8.93 49.57 -8.38
C TYR A 6 8.41 50.11 -7.07
N LEU A 7 9.00 49.68 -5.98
CA LEU A 7 8.56 50.06 -4.66
C LEU A 7 8.72 51.52 -4.34
N LYS A 8 9.80 52.09 -4.78
CA LYS A 8 10.05 53.50 -4.59
C LYS A 8 9.10 54.36 -5.34
N ASN A 9 8.76 53.94 -6.53
CA ASN A 9 7.79 54.62 -7.32
C ASN A 9 6.47 54.57 -6.65
N TYR A 10 6.14 53.42 -6.11
CA TYR A 10 4.88 53.20 -5.50
C TYR A 10 4.74 54.09 -4.32
N LEU A 11 5.79 54.19 -3.53
CA LEU A 11 5.78 55.03 -2.39
C LEU A 11 5.66 56.47 -2.75
N GLU A 12 6.43 56.91 -3.71
CA GLU A 12 6.39 58.29 -4.11
C GLU A 12 5.01 58.56 -4.62
N SER A 13 4.49 57.63 -5.37
CA SER A 13 3.21 57.83 -5.91
C SER A 13 2.15 57.94 -4.86
N TYR A 14 2.18 57.08 -3.86
CA TYR A 14 1.21 57.09 -2.79
C TYR A 14 1.25 58.32 -1.94
N LEU A 15 2.44 58.81 -1.67
CA LEU A 15 2.53 59.99 -0.86
C LEU A 15 1.90 61.18 -1.54
N ARG A 16 2.06 61.28 -2.84
CA ARG A 16 1.44 62.35 -3.58
C ARG A 16 -0.06 62.23 -3.54
N LYS A 17 -0.58 61.04 -3.71
CA LYS A 17 -2.00 60.93 -3.67
C LYS A 17 -2.44 61.36 -2.30
N LYS A 18 -1.73 60.95 -1.28
CA LYS A 18 -2.12 61.18 0.10
C LYS A 18 -1.92 62.58 0.56
N GLU A 19 -1.10 63.30 -0.15
CA GLU A 19 -0.85 64.68 0.15
C GLU A 19 -0.14 64.91 1.47
N VAL A 20 0.67 63.96 1.86
CA VAL A 20 1.49 64.09 3.02
C VAL A 20 2.65 65.05 2.81
N SER A 21 3.07 65.69 3.86
CA SER A 21 4.25 66.51 3.80
C SER A 21 5.28 66.00 4.79
N LEU A 22 6.51 65.78 4.34
CA LEU A 22 7.58 65.32 5.20
C LEU A 22 8.92 65.95 4.89
N THR A 23 9.83 65.83 5.82
CA THR A 23 11.20 66.22 5.61
C THR A 23 11.89 65.22 4.73
N GLU A 24 13.02 65.61 4.21
CA GLU A 24 13.79 64.72 3.44
C GLU A 24 14.26 63.57 4.28
N GLU A 25 14.67 63.84 5.49
CA GLU A 25 15.11 62.78 6.38
C GLU A 25 13.98 61.83 6.61
N GLU A 26 12.82 62.33 6.82
CA GLU A 26 11.66 61.52 6.98
C GLU A 26 11.38 60.70 5.77
N PHE A 27 11.51 61.28 4.59
CA PHE A 27 11.29 60.54 3.39
C PHE A 27 12.29 59.43 3.23
N ASN A 28 13.53 59.70 3.54
CA ASN A 28 14.57 58.74 3.38
C ASN A 28 14.33 57.54 4.23
N VAL A 29 13.98 57.79 5.46
CA VAL A 29 13.71 56.75 6.40
C VAL A 29 12.54 55.88 6.06
N ILE A 30 11.44 56.44 5.64
CA ILE A 30 10.32 55.64 5.24
C ILE A 30 10.68 54.77 4.09
N LEU A 31 11.35 55.31 3.11
CA LEU A 31 11.73 54.51 1.98
C LEU A 31 12.65 53.39 2.34
N ARG A 32 13.60 53.66 3.20
CA ARG A 32 14.52 52.65 3.59
C ARG A 32 13.85 51.49 4.28
N GLU A 33 12.98 51.76 5.23
CA GLU A 33 12.19 50.73 5.85
C GLU A 33 11.19 50.05 4.91
N PHE A 34 10.57 50.79 4.03
CA PHE A 34 9.62 50.22 3.12
C PHE A 34 10.32 49.23 2.24
N LEU A 35 11.49 49.57 1.76
CA LEU A 35 12.26 48.66 0.96
C LEU A 35 12.66 47.43 1.71
N ARG A 36 13.09 47.58 2.93
CA ARG A 36 13.38 46.45 3.76
C ARG A 36 12.22 45.54 4.21
N PHE A 37 11.07 46.10 4.53
CA PHE A 37 9.96 45.31 5.04
C PHE A 37 8.94 44.79 4.06
N ALA A 38 8.87 45.35 2.88
CA ALA A 38 7.86 44.97 1.92
C ALA A 38 8.14 43.66 1.26
N TYR A 39 7.12 43.10 0.67
CA TYR A 39 7.25 41.87 -0.08
C TYR A 39 7.68 42.07 -1.52
N ASN A 40 7.61 41.01 -2.30
CA ASN A 40 8.01 41.11 -3.66
C ASN A 40 6.85 41.06 -4.65
N PRO A 41 6.30 42.21 -4.97
CA PRO A 41 5.14 42.38 -5.83
C PRO A 41 5.35 41.88 -7.24
N GLU A 42 6.56 41.95 -7.73
CA GLU A 42 6.91 41.42 -9.02
C GLU A 42 6.81 39.90 -9.14
N GLU A 43 7.17 39.18 -8.09
CA GLU A 43 7.11 37.73 -8.07
C GLU A 43 5.76 37.09 -7.83
N SER A 44 5.66 35.83 -8.20
CA SER A 44 4.52 34.98 -7.94
C SER A 44 4.93 33.55 -7.99
N GLY A 45 4.04 32.65 -7.63
CA GLY A 45 4.34 31.24 -7.64
C GLY A 45 4.91 30.67 -6.37
N GLN A 46 5.18 29.39 -6.37
CA GLN A 46 5.64 28.72 -5.18
C GLN A 46 6.76 27.77 -5.50
N GLU A 47 7.59 27.52 -4.52
CA GLU A 47 8.71 26.61 -4.66
C GLU A 47 8.66 25.63 -3.56
N ILE A 48 8.94 24.38 -3.85
CA ILE A 48 8.90 23.35 -2.86
C ILE A 48 10.10 23.39 -1.91
N ALA A 49 9.89 23.17 -0.64
CA ALA A 49 10.98 23.19 0.30
C ALA A 49 10.89 22.21 1.45
N ASP A 50 12.04 21.87 2.01
CA ASP A 50 12.14 21.00 3.16
C ASP A 50 11.83 21.68 4.45
N THR A 51 11.41 20.89 5.42
CA THR A 51 11.14 21.37 6.75
C THR A 51 11.87 20.44 7.68
N ALA A 52 12.21 20.92 8.85
CA ALA A 52 12.98 20.21 9.82
C ALA A 52 12.37 18.94 10.34
N ASP A 53 11.07 18.89 10.49
CA ASP A 53 10.48 17.70 11.03
C ASP A 53 10.22 16.71 9.95
N GLY A 54 10.56 17.08 8.73
CA GLY A 54 10.42 16.19 7.60
C GLY A 54 9.22 16.36 6.71
N SER A 55 8.27 17.17 7.11
CA SER A 55 7.19 17.55 6.25
C SER A 55 7.68 18.57 5.25
N LYS A 56 6.88 18.83 4.25
CA LYS A 56 7.26 19.75 3.23
C LYS A 56 6.35 20.94 3.34
N THR A 57 6.81 22.02 2.76
CA THR A 57 6.16 23.28 2.73
C THR A 57 6.50 23.87 1.38
N LEU A 58 5.90 24.99 1.05
CA LEU A 58 6.28 25.69 -0.13
C LEU A 58 6.74 27.04 0.29
N ILE A 59 7.55 27.65 -0.54
CA ILE A 59 7.90 29.04 -0.37
C ILE A 59 7.04 29.81 -1.31
N HIS A 60 6.42 30.87 -0.84
CA HIS A 60 5.66 31.73 -1.71
C HIS A 60 6.54 32.87 -2.15
N LYS A 61 6.76 32.95 -3.44
CA LYS A 61 7.64 33.90 -4.08
C LYS A 61 7.24 35.35 -3.97
N THR A 62 5.96 35.64 -4.01
CA THR A 62 5.45 36.95 -3.75
C THR A 62 5.68 37.46 -2.34
N TYR A 63 5.33 36.65 -1.36
CA TYR A 63 5.51 37.01 0.01
C TYR A 63 6.89 36.79 0.52
N GLY A 64 7.61 35.96 -0.20
CA GLY A 64 8.94 35.56 0.19
C GLY A 64 9.05 34.80 1.46
N GLU A 65 8.08 33.94 1.68
CA GLU A 65 7.97 33.18 2.89
C GLU A 65 7.50 31.78 2.69
N PRO A 66 7.89 30.91 3.58
CA PRO A 66 7.33 29.58 3.67
C PRO A 66 5.92 29.58 4.22
N TYR A 67 5.12 28.66 3.78
CA TYR A 67 3.78 28.51 4.29
C TYR A 67 3.88 28.12 5.74
N HIS A 68 4.94 27.40 6.03
CA HIS A 68 5.27 27.01 7.34
C HIS A 68 6.71 27.09 7.62
N SER A 69 7.07 27.15 8.90
CA SER A 69 8.43 27.39 9.29
C SER A 69 9.25 26.16 9.11
N GLN A 70 10.31 26.32 8.35
CA GLN A 70 11.24 25.26 8.06
C GLN A 70 12.02 24.83 9.26
N THR A 71 12.35 25.80 10.10
CA THR A 71 13.07 25.56 11.32
C THR A 71 12.37 24.73 12.35
N ALA A 72 11.11 25.05 12.61
CA ALA A 72 10.28 24.23 13.46
C ALA A 72 9.89 22.87 12.92
N GLY A 73 9.60 22.83 11.64
CA GLY A 73 8.91 21.75 11.01
C GLY A 73 7.46 22.19 10.91
N ALA A 74 6.81 21.87 9.84
CA ALA A 74 5.42 22.24 9.64
C ALA A 74 4.36 21.64 10.56
N ILE A 75 4.45 20.35 10.82
CA ILE A 75 3.55 19.71 11.73
C ILE A 75 3.74 20.23 13.12
N ARG A 76 4.98 20.42 13.48
CA ARG A 76 5.31 20.93 14.78
C ARG A 76 4.83 22.32 15.03
N GLU A 77 4.92 23.16 14.02
CA GLU A 77 4.30 24.46 14.11
C GLU A 77 2.79 24.40 14.21
N SER A 78 2.12 23.57 13.47
CA SER A 78 0.70 23.50 13.59
C SER A 78 0.28 23.09 14.97
N LEU A 79 0.93 22.07 15.47
CA LEU A 79 0.67 21.53 16.78
C LEU A 79 0.98 22.42 17.95
N TYR A 80 2.14 23.03 17.93
CA TYR A 80 2.55 23.87 19.03
C TYR A 80 2.21 25.32 18.96
N LYS A 81 2.17 25.91 17.77
CA LYS A 81 1.65 27.26 17.61
C LYS A 81 0.15 27.41 17.41
N PHE A 82 -0.47 26.47 16.75
CA PHE A 82 -1.91 26.49 16.67
C PHE A 82 -2.88 25.47 17.24
N VAL A 83 -2.63 24.27 17.26
CA VAL A 83 -3.57 23.32 17.84
C VAL A 83 -3.62 23.31 19.36
N ARG A 84 -2.52 23.06 20.02
CA ARG A 84 -2.52 22.97 21.46
C ARG A 84 -2.92 24.22 22.15
N PRO A 85 -2.21 25.28 21.89
CA PRO A 85 -2.55 26.56 22.49
C PRO A 85 -4.00 26.91 22.33
N SER A 86 -4.66 26.42 21.32
CA SER A 86 -6.05 26.74 21.13
C SER A 86 -6.95 26.07 22.15
N ARG A 87 -6.52 24.92 22.60
CA ARG A 87 -7.20 24.21 23.65
C ARG A 87 -8.40 23.47 23.16
N ILE A 88 -8.56 23.34 21.88
CA ILE A 88 -9.71 22.66 21.36
C ILE A 88 -9.72 21.22 21.77
N LEU A 89 -8.55 20.63 21.91
CA LEU A 89 -8.40 19.25 22.26
C LEU A 89 -8.92 18.93 23.63
N GLU A 90 -8.71 19.82 24.57
CA GLU A 90 -9.31 19.71 25.86
C GLU A 90 -10.81 19.84 25.76
N LYS A 91 -11.27 20.81 25.03
CA LYS A 91 -12.68 21.07 24.95
C LYS A 91 -13.42 19.92 24.33
N ALA A 92 -12.71 19.18 23.53
CA ALA A 92 -13.29 18.15 22.71
C ALA A 92 -13.90 17.03 23.49
N LYS A 93 -13.28 16.63 24.58
CA LYS A 93 -13.76 15.47 25.29
C LYS A 93 -15.16 15.70 25.82
N GLU A 94 -15.39 16.86 26.40
CA GLU A 94 -16.71 17.27 26.79
C GLU A 94 -17.68 17.54 25.65
N ARG A 95 -17.21 18.21 24.63
CA ARG A 95 -18.09 18.80 23.65
C ARG A 95 -18.59 17.90 22.56
N LYS A 96 -19.60 18.37 21.86
CA LYS A 96 -20.11 17.69 20.70
C LYS A 96 -19.92 18.46 19.41
N VAL A 97 -19.45 19.69 19.51
CA VAL A 97 -19.11 20.42 18.34
C VAL A 97 -17.97 21.35 18.62
N ILE A 98 -17.04 21.45 17.70
CA ILE A 98 -15.98 22.39 17.79
C ILE A 98 -15.99 23.22 16.55
N ARG A 99 -15.91 24.53 16.69
CA ARG A 99 -15.83 25.42 15.55
C ARG A 99 -14.50 26.12 15.40
N ILE A 100 -13.91 25.99 14.22
CA ILE A 100 -12.68 26.67 13.93
C ILE A 100 -12.80 27.67 12.82
N LEU A 101 -12.30 28.86 13.08
CA LEU A 101 -12.21 29.89 12.08
C LEU A 101 -10.78 29.86 11.59
N ASP A 102 -10.58 29.55 10.32
CA ASP A 102 -9.23 29.40 9.81
C ASP A 102 -8.85 30.50 8.88
N VAL A 103 -7.86 31.29 9.25
CA VAL A 103 -7.43 32.39 8.43
C VAL A 103 -6.27 31.99 7.55
N GLY A 104 -6.54 31.69 6.29
CA GLY A 104 -5.56 31.20 5.35
C GLY A 104 -5.51 29.71 5.24
N PHE A 105 -6.20 29.15 4.27
CA PHE A 105 -6.24 27.73 4.18
C PHE A 105 -4.88 27.11 3.96
N GLY A 106 -4.09 27.73 3.13
CA GLY A 106 -2.76 27.27 2.83
C GLY A 106 -2.70 25.90 2.24
N LEU A 107 -1.90 25.02 2.80
CA LEU A 107 -1.85 23.67 2.35
C LEU A 107 -2.76 22.80 3.15
N GLY A 108 -3.45 23.41 4.10
CA GLY A 108 -4.38 22.71 4.92
C GLY A 108 -3.81 21.99 6.11
N TYR A 109 -2.58 22.29 6.45
CA TYR A 109 -1.87 21.61 7.51
C TYR A 109 -2.43 21.77 8.90
N ASN A 110 -2.77 22.97 9.28
CA ASN A 110 -3.28 23.19 10.59
C ASN A 110 -4.55 22.43 10.76
N LEU A 111 -5.40 22.49 9.77
CA LEU A 111 -6.66 21.84 9.82
C LEU A 111 -6.55 20.34 9.90
N ALA A 112 -5.68 19.78 9.12
CA ALA A 112 -5.42 18.38 9.14
C ALA A 112 -4.84 17.90 10.44
N VAL A 113 -3.88 18.62 10.97
CA VAL A 113 -3.30 18.26 12.22
C VAL A 113 -4.31 18.33 13.34
N ALA A 114 -5.15 19.34 13.33
CA ALA A 114 -6.16 19.44 14.32
C ALA A 114 -7.15 18.30 14.26
N LEU A 115 -7.63 17.98 13.09
CA LEU A 115 -8.60 16.94 12.92
C LEU A 115 -8.11 15.61 13.35
N LYS A 116 -6.86 15.30 13.14
CA LYS A 116 -6.37 14.05 13.64
C LYS A 116 -6.42 13.94 15.15
N HIS A 117 -5.95 14.96 15.83
CA HIS A 117 -6.08 15.03 17.25
C HIS A 117 -7.46 15.17 17.74
N LEU A 118 -8.27 15.98 17.11
CA LEU A 118 -9.58 16.14 17.64
C LEU A 118 -10.30 14.84 17.64
N TRP A 119 -10.23 14.13 16.54
CA TRP A 119 -10.81 12.83 16.45
C TRP A 119 -10.19 11.76 17.29
N GLU A 120 -8.92 11.81 17.55
CA GLU A 120 -8.38 10.83 18.44
C GLU A 120 -9.00 11.00 19.79
N VAL A 121 -9.12 12.23 20.23
CA VAL A 121 -9.69 12.50 21.51
C VAL A 121 -11.15 12.14 21.64
N ASN A 122 -11.97 12.58 20.72
CA ASN A 122 -13.33 12.12 20.63
C ASN A 122 -13.70 11.78 19.19
N PRO A 123 -13.88 10.52 18.88
CA PRO A 123 -14.15 10.09 17.52
C PRO A 123 -15.44 10.59 16.97
N LYS A 124 -16.31 11.05 17.84
CA LYS A 124 -17.65 11.40 17.43
C LYS A 124 -17.93 12.86 17.22
N LEU A 125 -16.92 13.68 17.40
CA LEU A 125 -17.05 15.11 17.36
C LEU A 125 -17.40 15.71 16.04
N ARG A 126 -18.33 16.64 16.03
CA ARG A 126 -18.67 17.26 14.80
C ARG A 126 -17.86 18.51 14.70
N VAL A 127 -17.18 18.72 13.60
CA VAL A 127 -16.31 19.85 13.51
C VAL A 127 -16.74 20.83 12.46
N GLU A 128 -16.85 22.09 12.82
CA GLU A 128 -17.18 23.11 11.86
C GLU A 128 -15.99 24.00 11.51
N ILE A 129 -15.58 23.97 10.27
CA ILE A 129 -14.51 24.80 9.80
C ILE A 129 -14.92 25.76 8.71
N ILE A 130 -14.59 27.02 8.90
CA ILE A 130 -14.65 28.03 7.87
C ILE A 130 -13.27 28.57 7.61
N SER A 131 -12.85 28.55 6.37
CA SER A 131 -11.54 29.01 6.02
C SER A 131 -11.55 30.04 4.94
N PHE A 132 -10.48 30.78 4.81
CA PHE A 132 -10.42 31.87 3.88
C PHE A 132 -9.22 31.65 3.05
N GLU A 133 -9.34 31.71 1.76
CA GLU A 133 -8.18 31.53 0.93
C GLU A 133 -8.34 32.28 -0.35
N LYS A 134 -7.54 33.29 -0.57
CA LYS A 134 -7.49 33.99 -1.84
C LYS A 134 -6.86 33.29 -3.01
N GLU A 135 -5.92 32.40 -2.75
CA GLU A 135 -5.20 31.69 -3.78
C GLU A 135 -5.14 30.20 -3.49
N LEU A 136 -6.24 29.50 -3.69
CA LEU A 136 -6.27 28.07 -3.53
C LEU A 136 -5.39 27.35 -4.52
N LEU A 137 -4.69 26.34 -4.06
CA LEU A 137 -3.76 25.64 -4.86
C LEU A 137 -4.41 24.40 -5.40
N LYS A 138 -3.84 23.86 -6.46
CA LYS A 138 -4.26 22.61 -7.05
C LYS A 138 -3.37 21.43 -6.74
N GLU A 139 -2.15 21.68 -6.38
CA GLU A 139 -1.25 20.62 -5.97
C GLU A 139 -0.73 20.92 -4.60
N PHE A 140 -0.84 19.98 -3.69
CA PHE A 140 -0.37 20.18 -2.36
C PHE A 140 0.62 19.12 -2.01
N PRO A 141 1.67 19.49 -1.30
CA PRO A 141 2.56 18.54 -0.69
C PRO A 141 1.78 17.84 0.36
N ILE A 142 1.90 16.54 0.44
CA ILE A 142 1.09 15.80 1.37
C ILE A 142 1.88 15.53 2.60
N LEU A 143 1.20 15.63 3.71
CA LEU A 143 1.81 15.39 4.97
C LEU A 143 2.23 13.96 5.08
N PRO A 144 3.36 13.74 5.72
CA PRO A 144 3.90 12.42 6.00
C PRO A 144 3.12 11.75 7.10
N GLU A 145 3.35 10.35 7.17
CA GLU A 145 2.62 9.73 8.25
C GLU A 145 3.26 10.16 9.53
N PRO A 146 2.42 10.36 10.51
CA PRO A 146 1.07 9.80 10.57
C PRO A 146 -0.13 10.68 10.24
N TYR A 147 0.10 11.77 9.57
CA TYR A 147 -0.88 12.72 9.14
C TYR A 147 -1.29 12.66 7.70
N ARG A 148 -0.75 11.73 6.93
CA ARG A 148 -1.10 11.63 5.53
C ARG A 148 -2.50 11.27 5.19
N GLU A 149 -3.10 10.36 5.93
CA GLU A 149 -4.45 9.92 5.67
C GLU A 149 -5.45 11.00 5.87
N ILE A 150 -5.28 11.68 6.98
CA ILE A 150 -6.09 12.79 7.38
C ILE A 150 -5.96 13.99 6.47
N HIS A 151 -4.76 14.26 6.01
CA HIS A 151 -4.58 15.32 5.08
C HIS A 151 -5.24 15.15 3.75
N GLU A 152 -5.11 13.96 3.19
CA GLU A 152 -5.74 13.61 1.95
C GLU A 152 -7.23 13.64 2.08
N PHE A 153 -7.71 13.24 3.23
CA PHE A 153 -9.11 13.28 3.50
C PHE A 153 -9.67 14.68 3.48
N LEU A 154 -8.97 15.63 4.07
CA LEU A 154 -9.34 17.01 4.01
C LEU A 154 -9.29 17.59 2.63
N LEU A 155 -8.28 17.25 1.89
CA LEU A 155 -8.12 17.78 0.57
C LEU A 155 -9.22 17.34 -0.38
N GLU A 156 -9.70 16.13 -0.19
CA GLU A 156 -10.74 15.57 -0.99
C GLU A 156 -11.98 16.40 -0.83
N ARG A 157 -12.18 16.92 0.35
CA ARG A 157 -13.37 17.65 0.67
C ARG A 157 -13.34 19.14 0.40
N VAL A 158 -12.16 19.67 0.10
CA VAL A 158 -12.14 21.05 -0.26
C VAL A 158 -12.97 21.28 -1.54
N PRO A 159 -13.61 22.39 -1.79
CA PRO A 159 -13.71 23.50 -0.86
C PRO A 159 -14.98 23.59 -0.06
N GLU A 160 -15.99 22.80 -0.40
CA GLU A 160 -17.20 22.82 0.37
C GLU A 160 -17.62 21.40 0.67
N TYR A 161 -17.90 21.12 1.91
CA TYR A 161 -18.35 19.82 2.30
C TYR A 161 -19.25 19.81 3.53
N GLU A 162 -20.30 19.02 3.49
CA GLU A 162 -21.15 18.85 4.66
C GLU A 162 -21.34 17.39 4.98
N GLY A 163 -21.20 17.00 6.22
CA GLY A 163 -21.09 15.61 6.55
C GLY A 163 -21.53 15.40 7.95
N GLU A 164 -21.55 14.18 8.41
CA GLU A 164 -22.04 13.99 9.73
C GLU A 164 -21.13 14.64 10.72
N ARG A 165 -19.88 14.22 10.74
CA ARG A 165 -18.84 14.84 11.55
C ARG A 165 -18.34 16.21 11.15
N LEU A 166 -18.25 16.48 9.88
CA LEU A 166 -17.47 17.59 9.45
C LEU A 166 -18.19 18.58 8.59
N SER A 167 -18.07 19.85 8.92
CA SER A 167 -18.54 20.88 8.03
C SER A 167 -17.38 21.73 7.56
N LEU A 168 -17.22 21.88 6.27
CA LEU A 168 -16.11 22.62 5.72
C LEU A 168 -16.54 23.67 4.73
N LYS A 169 -16.15 24.91 4.92
CA LYS A 169 -16.24 25.84 3.83
C LYS A 169 -14.99 26.65 3.74
N VAL A 170 -14.35 26.63 2.60
CA VAL A 170 -13.22 27.48 2.40
C VAL A 170 -13.74 28.48 1.43
N LEU A 171 -13.74 29.75 1.79
CA LEU A 171 -14.27 30.74 0.90
C LEU A 171 -13.14 31.42 0.22
N LEU A 172 -13.13 31.27 -1.08
CA LEU A 172 -12.16 31.88 -1.94
C LEU A 172 -12.41 33.33 -2.11
N GLY A 173 -11.35 34.04 -2.45
CA GLY A 173 -11.28 35.48 -2.43
C GLY A 173 -10.64 36.02 -1.19
N ASP A 174 -10.53 37.33 -1.12
CA ASP A 174 -10.00 38.08 0.00
C ASP A 174 -10.81 37.89 1.23
N ALA A 175 -10.17 37.63 2.33
CA ALA A 175 -10.84 37.41 3.58
C ALA A 175 -11.58 38.60 4.05
N ARG A 176 -11.05 39.77 3.74
CA ARG A 176 -11.66 41.00 4.14
C ARG A 176 -13.02 41.13 3.52
N LYS A 177 -13.17 40.76 2.26
CA LYS A 177 -14.48 40.66 1.67
C LYS A 177 -15.34 39.53 2.15
N ARG A 178 -14.80 38.33 2.10
CA ARG A 178 -15.58 37.14 2.43
C ARG A 178 -16.05 37.05 3.86
N ILE A 179 -15.36 37.68 4.78
CA ILE A 179 -15.69 37.51 6.17
C ILE A 179 -17.06 38.03 6.57
N LYS A 180 -17.49 39.09 5.93
CA LYS A 180 -18.73 39.71 6.30
C LYS A 180 -19.87 38.74 6.15
N GLU A 181 -19.73 37.79 5.24
CA GLU A 181 -20.73 36.77 5.06
C GLU A 181 -20.90 35.83 6.22
N VAL A 182 -19.92 35.72 7.07
CA VAL A 182 -20.04 34.73 8.10
C VAL A 182 -20.79 35.31 9.27
N GLU A 183 -21.95 34.72 9.51
CA GLU A 183 -22.86 35.15 10.52
C GLU A 183 -23.23 33.94 11.30
N ASN A 184 -23.63 34.13 12.54
CA ASN A 184 -24.09 33.04 13.34
C ASN A 184 -23.04 32.00 13.61
N PHE A 185 -21.79 32.41 13.59
CA PHE A 185 -20.69 31.52 13.90
C PHE A 185 -19.87 32.14 15.01
N LYS A 186 -19.75 31.49 16.15
CA LYS A 186 -18.77 31.91 17.12
C LYS A 186 -17.74 30.81 17.32
N ALA A 187 -16.54 31.04 16.81
CA ALA A 187 -15.51 30.04 16.83
C ALA A 187 -14.92 29.73 18.17
N ASP A 188 -14.68 28.46 18.41
CA ASP A 188 -13.86 28.01 19.51
C ASP A 188 -12.39 28.33 19.37
N ALA A 189 -11.88 28.24 18.16
CA ALA A 189 -10.52 28.55 17.86
C ALA A 189 -10.48 29.36 16.61
N VAL A 190 -9.62 30.36 16.57
CA VAL A 190 -9.29 31.01 15.34
C VAL A 190 -7.85 30.71 15.08
N PHE A 191 -7.56 30.11 13.96
CA PHE A 191 -6.18 29.84 13.62
C PHE A 191 -5.79 30.93 12.68
N HIS A 192 -5.03 31.88 13.13
CA HIS A 192 -4.75 32.99 12.31
C HIS A 192 -3.43 32.87 11.68
N ASP A 193 -3.41 32.36 10.48
CA ASP A 193 -2.17 31.97 9.87
C ASP A 193 -1.98 32.57 8.53
N ALA A 194 -1.73 33.86 8.52
CA ALA A 194 -1.37 34.57 7.35
C ALA A 194 0.13 34.63 7.24
N PHE A 195 0.63 35.17 6.17
CA PHE A 195 2.03 35.42 6.02
C PHE A 195 2.29 36.61 6.90
N SER A 196 3.54 36.91 7.13
CA SER A 196 3.95 37.76 8.19
C SER A 196 3.40 39.17 8.00
N PRO A 197 3.22 39.91 9.07
CA PRO A 197 2.42 41.12 9.00
C PRO A 197 2.94 42.20 8.08
N TYR A 198 4.22 42.39 8.01
CA TYR A 198 4.78 43.32 7.06
C TYR A 198 4.53 42.86 5.66
N LYS A 199 4.69 41.58 5.46
CA LYS A 199 4.42 40.91 4.21
C LYS A 199 2.99 40.85 3.75
N ASN A 200 2.07 40.65 4.68
CA ASN A 200 0.68 40.37 4.42
C ASN A 200 -0.20 41.25 5.27
N PRO A 201 -0.12 42.54 5.09
CA PRO A 201 -0.70 43.49 6.01
C PRO A 201 -2.21 43.49 6.20
N GLU A 202 -3.00 43.14 5.19
CA GLU A 202 -4.45 43.25 5.24
C GLU A 202 -5.01 42.41 6.30
N LEU A 203 -4.32 41.34 6.66
CA LEU A 203 -4.88 40.36 7.55
C LEU A 203 -4.52 40.59 8.98
N TRP A 204 -3.80 41.66 9.25
CA TRP A 204 -3.46 41.97 10.58
C TRP A 204 -3.87 43.30 11.07
N THR A 205 -4.76 43.98 10.40
CA THR A 205 -5.16 45.28 10.88
C THR A 205 -6.12 45.19 12.04
N LEU A 206 -6.25 46.27 12.78
CA LEU A 206 -7.20 46.39 13.84
C LEU A 206 -8.59 46.20 13.28
N ASP A 207 -8.81 46.70 12.10
CA ASP A 207 -10.08 46.60 11.43
C ASP A 207 -10.50 45.21 11.05
N PHE A 208 -9.60 44.43 10.49
CA PHE A 208 -9.83 43.03 10.21
C PHE A 208 -9.93 42.17 11.46
N LEU A 209 -9.13 42.47 12.43
CA LEU A 209 -9.14 41.76 13.68
C LEU A 209 -10.48 41.93 14.38
N SER A 210 -11.07 43.09 14.22
CA SER A 210 -12.35 43.42 14.76
C SER A 210 -13.42 42.56 14.16
N LEU A 211 -13.34 42.33 12.87
CA LEU A 211 -14.26 41.46 12.22
C LEU A 211 -14.10 40.04 12.70
N ILE A 212 -12.88 39.66 12.97
CA ILE A 212 -12.58 38.38 13.52
C ILE A 212 -13.15 38.24 14.89
N LYS A 213 -13.17 39.33 15.62
CA LYS A 213 -13.65 39.35 16.99
C LYS A 213 -15.11 39.01 17.09
N GLU A 214 -15.88 39.48 16.13
CA GLU A 214 -17.28 39.27 16.11
C GLU A 214 -17.55 37.80 15.96
N ARG A 215 -16.56 37.08 15.50
CA ARG A 215 -16.75 35.72 15.13
C ARG A 215 -16.10 34.73 16.04
N ILE A 216 -15.75 35.16 17.22
CA ILE A 216 -15.11 34.28 18.16
C ILE A 216 -15.87 34.16 19.44
N ASP A 217 -15.96 32.95 19.95
CA ASP A 217 -16.64 32.71 21.17
C ASP A 217 -15.81 33.36 22.21
N GLU A 218 -16.43 33.81 23.26
CA GLU A 218 -15.78 34.56 24.31
C GLU A 218 -14.73 33.78 24.99
N LYS A 219 -14.96 32.50 25.12
CA LYS A 219 -14.05 31.62 25.80
C LYS A 219 -13.14 30.96 24.80
N GLY A 220 -13.30 31.34 23.55
CA GLY A 220 -12.45 30.89 22.49
C GLY A 220 -11.11 31.57 22.51
N TYR A 221 -10.18 30.92 21.85
CA TYR A 221 -8.79 31.32 21.74
C TYR A 221 -8.37 31.67 20.31
N TRP A 222 -7.58 32.73 20.19
CA TRP A 222 -7.04 33.14 18.94
C TRP A 222 -5.58 32.85 18.95
N VAL A 223 -5.10 32.14 17.96
CA VAL A 223 -3.73 31.71 17.95
C VAL A 223 -2.95 32.05 16.68
N SER A 224 -1.71 32.42 16.86
CA SER A 224 -0.84 32.63 15.74
C SER A 224 0.59 32.35 16.12
N TYR A 225 1.40 32.03 15.14
CA TYR A 225 2.82 31.94 15.29
C TYR A 225 3.46 33.27 15.57
N SER A 226 2.82 34.34 15.15
CA SER A 226 3.33 35.68 15.27
C SER A 226 3.29 36.31 16.65
N SER A 227 4.34 37.06 16.97
CA SER A 227 4.37 37.86 18.15
C SER A 227 4.55 39.29 17.82
N SER A 228 4.01 39.74 16.70
CA SER A 228 4.17 41.10 16.26
C SER A 228 3.64 42.10 17.27
N LEU A 229 4.40 43.12 17.53
CA LEU A 229 4.01 44.12 18.46
C LEU A 229 2.78 44.81 18.01
N SER A 230 2.70 45.08 16.73
CA SER A 230 1.56 45.72 16.16
C SER A 230 0.33 44.87 16.30
N VAL A 231 0.44 43.60 16.04
CA VAL A 231 -0.65 42.72 16.24
C VAL A 231 -1.10 42.60 17.68
N ARG A 232 -0.18 42.48 18.60
CA ARG A 232 -0.54 42.40 19.98
C ARG A 232 -1.22 43.63 20.52
N LYS A 233 -0.76 44.79 20.09
CA LYS A 233 -1.33 46.03 20.49
C LYS A 233 -2.73 46.16 19.98
N SER A 234 -3.00 45.70 18.79
CA SER A 234 -4.33 45.66 18.24
C SER A 234 -5.28 44.73 18.99
N LEU A 235 -4.82 43.58 19.38
CA LEU A 235 -5.61 42.66 20.12
C LEU A 235 -6.02 43.22 21.46
N LEU A 236 -5.09 43.92 22.11
CA LEU A 236 -5.34 44.58 23.35
C LEU A 236 -6.35 45.66 23.21
N THR A 237 -6.28 46.37 22.12
CA THR A 237 -7.22 47.42 21.82
C THR A 237 -8.62 46.88 21.69
N LEU A 238 -8.75 45.67 21.16
CA LEU A 238 -10.03 45.05 20.92
C LEU A 238 -10.54 44.32 22.12
N GLY A 239 -9.77 44.30 23.17
CA GLY A 239 -10.17 43.68 24.40
C GLY A 239 -9.74 42.29 24.70
N PHE A 240 -8.90 41.71 23.88
CA PHE A 240 -8.36 40.41 24.15
C PHE A 240 -7.35 40.46 25.25
N LYS A 241 -7.18 39.34 25.92
CA LYS A 241 -6.11 39.11 26.83
C LYS A 241 -5.08 38.51 25.96
N VAL A 242 -3.86 38.97 26.05
CA VAL A 242 -2.84 38.55 25.16
C VAL A 242 -1.71 37.88 25.87
N GLY A 243 -1.33 36.71 25.40
CA GLY A 243 -0.37 35.87 26.02
C GLY A 243 0.53 35.20 25.05
N SER A 244 1.45 34.42 25.54
CA SER A 244 2.43 33.79 24.72
C SER A 244 2.52 32.27 24.77
N SER A 245 2.84 31.70 23.65
CA SER A 245 3.16 30.30 23.54
C SER A 245 4.60 30.12 23.09
N ARG A 246 5.30 29.13 23.58
CA ARG A 246 6.65 28.89 23.06
C ARG A 246 7.07 27.47 22.66
N GLU A 247 7.78 27.46 21.41
CA GLU A 247 8.76 26.27 21.44
C GLU A 247 10.06 26.74 20.78
N ILE A 248 10.72 27.72 21.41
CA ILE A 248 12.05 28.14 20.99
C ILE A 248 12.85 26.97 20.43
N ARG A 252 11.59 32.20 19.95
CA ARG A 252 10.46 32.64 19.16
C ARG A 252 9.16 32.09 19.69
N LYS A 253 8.31 32.99 20.15
CA LYS A 253 7.06 32.65 20.77
C LYS A 253 5.91 33.11 19.94
N GLY A 254 4.76 32.50 20.16
CA GLY A 254 3.54 32.83 19.50
C GLY A 254 2.61 33.64 20.34
N THR A 255 1.43 33.88 19.85
CA THR A 255 0.49 34.66 20.58
C THR A 255 -0.76 33.90 20.81
N VAL A 256 -1.28 34.01 22.02
CA VAL A 256 -2.52 33.39 22.39
C VAL A 256 -3.43 34.45 22.92
N ALA A 257 -4.64 34.51 22.42
CA ALA A 257 -5.57 35.53 22.83
C ALA A 257 -6.93 34.98 23.18
N SER A 258 -7.58 35.59 24.14
CA SER A 258 -8.96 35.29 24.39
C SER A 258 -9.61 36.51 24.97
N LEU A 259 -10.85 36.75 24.63
CA LEU A 259 -11.59 37.78 25.29
C LEU A 259 -11.81 37.49 26.74
N LYS A 260 -12.27 36.29 27.05
CA LYS A 260 -12.51 35.93 28.43
C LYS A 260 -11.85 34.70 29.00
N ALA A 261 -11.26 33.82 28.21
CA ALA A 261 -10.54 32.70 28.79
C ALA A 261 -9.13 33.04 29.24
N PRO A 262 -8.50 32.18 30.00
CA PRO A 262 -7.16 32.42 30.47
C PRO A 262 -6.10 32.25 29.44
N VAL A 263 -5.07 33.06 29.54
CA VAL A 263 -3.96 33.01 28.64
C VAL A 263 -2.69 32.96 29.44
N PRO A 264 -1.74 32.24 28.91
CA PRO A 264 -0.41 32.11 29.50
C PRO A 264 0.20 33.44 29.37
N PRO A 265 1.14 33.82 30.22
CA PRO A 265 1.62 35.19 30.24
C PRO A 265 3.11 35.49 30.01
N GLU A 267 5.84 37.98 29.05
CA GLU A 267 6.88 37.75 29.96
C GLU A 267 7.30 39.16 30.14
N GLU A 268 8.22 39.45 31.03
CA GLU A 268 8.53 40.81 31.35
C GLU A 268 9.03 41.59 30.18
N ASN A 269 9.95 41.04 29.42
CA ASN A 269 10.58 41.72 28.30
C ASN A 269 9.64 41.96 27.15
N GLU A 270 8.67 41.09 27.05
CA GLU A 270 7.63 41.20 26.07
C GLU A 270 6.73 42.37 26.31
N VAL A 271 6.36 42.54 27.54
CA VAL A 271 5.53 43.62 27.99
C VAL A 271 6.21 44.94 27.83
N ARG A 272 7.49 44.92 28.10
CA ARG A 272 8.32 46.07 28.03
C ARG A 272 8.42 46.60 26.65
N LYS A 273 8.60 45.71 25.70
CA LYS A 273 8.68 46.05 24.32
C LYS A 273 7.38 46.59 23.86
N LEU A 274 6.33 45.98 24.32
CA LEU A 274 5.02 46.37 23.97
C LEU A 274 4.68 47.73 24.48
N VAL A 275 5.08 48.02 25.69
CA VAL A 275 4.96 49.36 26.22
C VAL A 275 5.87 50.39 25.56
N LEU A 276 7.16 50.06 25.51
CA LEU A 276 8.21 50.93 24.97
C LEU A 276 8.24 51.26 23.47
N SER A 277 8.01 50.26 22.61
CA SER A 277 8.27 50.40 21.19
C SER A 277 7.43 51.39 20.40
N PRO A 278 8.11 52.04 19.48
CA PRO A 278 7.55 52.87 18.44
C PRO A 278 6.72 52.05 17.49
N PHE A 279 7.09 50.80 17.35
CA PHE A 279 6.41 49.89 16.48
C PHE A 279 5.18 49.25 17.06
N ALA A 280 4.89 49.50 18.32
CA ALA A 280 3.70 48.98 18.89
C ALA A 280 2.51 49.86 18.53
N VAL A 281 2.17 49.78 17.28
CA VAL A 281 1.13 50.55 16.70
C VAL A 281 0.30 49.57 16.10
N PRO A 282 -0.99 50.00 16.10
CA PRO A 282 -1.82 49.30 15.16
C PRO A 282 -1.57 49.84 13.79
N ARG A 284 -3.94 49.57 10.66
CA ARG A 284 -5.10 50.21 10.11
C ARG A 284 -5.65 49.96 8.62
N ASP A 285 -6.75 49.32 8.31
CA ASP A 285 -7.44 49.36 7.09
C ASP A 285 -8.80 49.81 7.38
N GLU A 286 -9.22 51.09 7.37
CA GLU A 286 -10.61 51.41 7.89
C GLU A 286 -11.69 50.99 6.98
N LYS A 287 -11.49 51.13 5.69
CA LYS A 287 -12.52 50.70 4.79
C LYS A 287 -12.36 49.25 4.40
N LEU A 288 -11.22 48.67 4.67
CA LEU A 288 -11.00 47.29 4.36
C LEU A 288 -10.82 47.08 2.88
N ASP A 289 -10.56 48.14 2.16
CA ASP A 289 -10.38 48.05 0.76
C ASP A 289 -9.00 48.46 0.31
N LYS A 290 -8.18 48.81 1.26
CA LYS A 290 -6.87 49.30 1.00
C LYS A 290 -5.89 48.29 0.43
N GLU A 291 -5.00 48.75 -0.41
CA GLU A 291 -3.91 47.97 -0.90
C GLU A 291 -2.97 47.64 0.20
N PRO A 292 -2.42 46.46 0.15
CA PRO A 292 -1.56 45.96 1.19
C PRO A 292 -0.34 46.80 1.32
N LEU A 293 0.23 47.25 0.25
CA LEU A 293 1.43 48.04 0.36
C LEU A 293 1.17 49.29 1.08
N GLU A 294 -0.01 49.82 0.86
CA GLU A 294 -0.49 51.05 1.43
C GLU A 294 -0.66 50.99 2.91
N ILE A 295 -1.15 49.87 3.39
CA ILE A 295 -1.38 49.64 4.77
C ILE A 295 -0.08 49.64 5.48
N LEU A 296 0.91 49.06 4.85
CA LEU A 296 2.24 49.11 5.34
C LEU A 296 2.82 50.50 5.36
N ILE A 297 2.61 51.27 4.32
CA ILE A 297 3.13 52.59 4.27
C ILE A 297 2.54 53.47 5.35
N ASP A 298 1.26 53.34 5.57
CA ASP A 298 0.60 54.11 6.57
C ASP A 298 1.15 53.81 7.92
N TYR A 299 1.49 52.57 8.15
CA TYR A 299 2.06 52.14 9.40
C TYR A 299 3.42 52.75 9.69
N LEU A 300 4.27 52.76 8.69
CA LEU A 300 5.57 53.32 8.81
C LEU A 300 5.52 54.79 9.09
N LEU A 301 4.56 55.46 8.51
CA LEU A 301 4.34 56.85 8.77
C LEU A 301 3.93 57.15 10.18
N LYS A 302 3.03 56.36 10.73
CA LYS A 302 2.73 56.44 12.12
C LYS A 302 3.91 56.09 12.98
N VAL A 303 4.60 55.04 12.61
CA VAL A 303 5.65 54.58 13.46
C VAL A 303 6.70 55.62 13.59
N TYR A 304 6.96 56.31 12.51
CA TYR A 304 8.07 57.20 12.51
C TYR A 304 7.59 58.59 12.81
N LYS A 305 6.37 58.67 13.28
CA LYS A 305 5.76 59.91 13.73
C LYS A 305 5.91 61.02 12.71
N ILE A 306 5.77 60.64 11.47
CA ILE A 306 5.60 61.56 10.42
C ILE A 306 4.13 61.82 10.44
N SER A 307 3.47 61.33 11.46
CA SER A 307 2.02 61.35 11.48
C SER A 307 1.42 60.82 12.77
N LYS B 2 11.21 -22.15 -27.25
CA LYS B 2 11.77 -20.89 -26.83
C LYS B 2 10.90 -19.77 -27.31
N ARG B 3 10.95 -18.66 -26.60
CA ARG B 3 10.14 -17.52 -26.94
C ARG B 3 10.52 -17.00 -28.29
N GLU B 4 11.80 -16.91 -28.57
CA GLU B 4 12.20 -16.35 -29.82
C GLU B 4 11.67 -17.20 -30.91
N GLU B 5 11.80 -18.50 -30.76
CA GLU B 5 11.42 -19.36 -31.86
C GLU B 5 9.96 -19.28 -32.13
N TYR B 6 9.18 -19.31 -31.08
CA TYR B 6 7.76 -19.27 -31.27
C TYR B 6 7.34 -17.98 -31.90
N LEU B 7 7.91 -16.89 -31.43
CA LEU B 7 7.62 -15.59 -31.97
C LEU B 7 8.03 -15.39 -33.41
N LYS B 8 9.20 -15.86 -33.79
CA LYS B 8 9.61 -15.72 -35.17
C LYS B 8 8.67 -16.42 -36.08
N ASN B 9 8.28 -17.62 -35.72
CA ASN B 9 7.37 -18.40 -36.53
C ASN B 9 6.05 -17.70 -36.64
N TYR B 10 5.58 -17.20 -35.52
CA TYR B 10 4.33 -16.50 -35.50
C TYR B 10 4.38 -15.35 -36.46
N LEU B 11 5.45 -14.59 -36.44
CA LEU B 11 5.50 -13.45 -37.30
C LEU B 11 5.42 -13.87 -38.74
N GLU B 12 6.13 -14.91 -39.10
CA GLU B 12 6.16 -15.32 -40.46
C GLU B 12 4.80 -15.79 -40.94
N SER B 13 4.16 -16.62 -40.14
CA SER B 13 2.87 -17.17 -40.47
C SER B 13 1.83 -16.12 -40.61
N TYR B 14 1.98 -15.02 -39.89
CA TYR B 14 1.01 -13.98 -39.94
C TYR B 14 1.21 -13.16 -41.16
N LEU B 15 2.44 -12.83 -41.43
CA LEU B 15 2.71 -12.06 -42.62
C LEU B 15 2.41 -12.89 -43.83
N ARG B 16 2.51 -14.20 -43.69
CA ARG B 16 2.14 -15.12 -44.77
C ARG B 16 0.64 -14.99 -45.04
N LYS B 17 -0.12 -14.85 -43.96
CA LYS B 17 -1.56 -14.82 -44.00
C LYS B 17 -2.00 -13.54 -44.65
N LYS B 18 -1.28 -12.47 -44.39
CA LYS B 18 -1.43 -11.21 -45.06
C LYS B 18 -0.55 -11.23 -46.26
N GLU B 19 -0.56 -10.13 -47.01
CA GLU B 19 0.12 -10.06 -48.29
C GLU B 19 1.28 -9.13 -48.26
N VAL B 20 1.76 -8.77 -47.09
CA VAL B 20 2.67 -7.66 -47.03
C VAL B 20 3.93 -7.99 -47.75
N SER B 21 4.49 -7.01 -48.42
CA SER B 21 5.73 -7.21 -49.07
C SER B 21 6.72 -6.24 -48.51
N LEU B 22 7.78 -6.75 -47.94
CA LEU B 22 8.81 -5.88 -47.44
C LEU B 22 10.18 -6.39 -47.76
N THR B 23 11.14 -5.50 -47.62
CA THR B 23 12.52 -5.80 -47.80
C THR B 23 13.04 -6.58 -46.62
N GLU B 24 14.20 -7.16 -46.78
CA GLU B 24 14.77 -7.95 -45.74
C GLU B 24 15.08 -7.09 -44.56
N GLU B 25 15.57 -5.90 -44.78
CA GLU B 25 15.87 -5.03 -43.68
C GLU B 25 14.60 -4.67 -42.96
N GLU B 26 13.54 -4.49 -43.71
CA GLU B 26 12.30 -4.16 -43.08
C GLU B 26 11.93 -5.30 -42.21
N PHE B 27 12.08 -6.50 -42.71
CA PHE B 27 11.65 -7.62 -41.95
C PHE B 27 12.42 -7.75 -40.68
N ASN B 28 13.71 -7.53 -40.77
CA ASN B 28 14.56 -7.69 -39.64
C ASN B 28 14.21 -6.72 -38.58
N VAL B 29 13.87 -5.53 -38.99
CA VAL B 29 13.48 -4.52 -38.05
C VAL B 29 12.22 -4.91 -37.34
N ILE B 30 11.23 -5.37 -38.07
CA ILE B 30 10.00 -5.77 -37.48
C ILE B 30 10.21 -6.94 -36.57
N LEU B 31 11.06 -7.86 -36.96
CA LEU B 31 11.31 -9.00 -36.12
C LEU B 31 11.99 -8.60 -34.86
N ARG B 32 12.96 -7.73 -34.97
CA ARG B 32 13.69 -7.30 -33.81
C ARG B 32 12.80 -6.59 -32.84
N GLU B 33 11.96 -5.71 -33.32
CA GLU B 33 11.00 -5.01 -32.49
C GLU B 33 9.92 -5.85 -31.88
N PHE B 34 9.39 -6.76 -32.64
CA PHE B 34 8.35 -7.61 -32.15
C PHE B 34 8.86 -8.48 -31.04
N LEU B 35 10.08 -8.94 -31.15
CA LEU B 35 10.66 -9.74 -30.10
C LEU B 35 10.83 -8.98 -28.82
N ARG B 36 11.35 -7.77 -28.86
CA ARG B 36 11.44 -6.99 -27.65
C ARG B 36 10.14 -6.53 -27.02
N PHE B 37 9.21 -6.08 -27.83
CA PHE B 37 7.91 -5.64 -27.40
C PHE B 37 6.96 -6.68 -26.89
N ALA B 38 7.01 -7.87 -27.44
CA ALA B 38 6.05 -8.89 -27.14
C ALA B 38 6.12 -9.53 -25.77
N TYR B 39 5.02 -10.09 -25.34
CA TYR B 39 4.93 -10.76 -24.06
C TYR B 39 5.42 -12.17 -24.13
N ASN B 40 5.32 -12.90 -23.04
CA ASN B 40 5.83 -14.24 -23.00
C ASN B 40 4.75 -15.29 -23.06
N PRO B 41 4.55 -15.84 -24.25
CA PRO B 41 3.53 -16.85 -24.54
C PRO B 41 3.74 -18.16 -23.81
N GLU B 42 4.96 -18.41 -23.43
CA GLU B 42 5.36 -19.64 -22.83
C GLU B 42 5.32 -19.56 -21.32
N GLU B 43 4.72 -18.51 -20.80
CA GLU B 43 4.64 -18.35 -19.36
C GLU B 43 3.22 -18.17 -18.92
N SER B 44 3.00 -18.47 -17.65
CA SER B 44 1.68 -18.52 -17.08
C SER B 44 1.79 -18.36 -15.60
N GLY B 45 0.70 -18.01 -14.97
CA GLY B 45 0.67 -17.95 -13.53
C GLY B 45 1.12 -16.64 -12.99
N GLN B 46 1.08 -16.50 -11.68
CA GLN B 46 1.38 -15.24 -11.08
C GLN B 46 2.23 -15.41 -9.85
N GLU B 47 3.00 -14.40 -9.47
CA GLU B 47 3.81 -14.49 -8.27
C GLU B 47 3.70 -13.27 -7.40
N ILE B 48 3.74 -13.47 -6.10
CA ILE B 48 3.61 -12.41 -5.14
C ILE B 48 4.77 -11.43 -5.17
N ALA B 49 4.50 -10.15 -4.99
CA ALA B 49 5.57 -9.18 -5.00
C ALA B 49 5.30 -8.04 -4.06
N ASP B 50 6.37 -7.44 -3.58
CA ASP B 50 6.24 -6.33 -2.69
C ASP B 50 5.99 -5.05 -3.43
N THR B 51 5.23 -4.17 -2.81
CA THR B 51 4.96 -2.89 -3.40
C THR B 51 5.61 -1.94 -2.53
N ALA B 52 6.12 -0.87 -3.12
CA ALA B 52 6.84 0.14 -2.42
C ALA B 52 6.05 0.78 -1.40
N ASP B 53 4.74 0.69 -1.44
CA ASP B 53 3.95 1.21 -0.32
C ASP B 53 3.52 0.20 0.76
N GLY B 54 3.93 -1.04 0.58
CA GLY B 54 3.65 -2.12 1.50
C GLY B 54 2.52 -3.04 1.11
N SER B 55 1.67 -2.60 0.20
CA SER B 55 0.66 -3.46 -0.35
C SER B 55 1.37 -4.40 -1.27
N LYS B 56 0.88 -5.60 -1.46
CA LYS B 56 1.54 -6.52 -2.32
C LYS B 56 0.82 -6.52 -3.62
N THR B 57 1.32 -7.28 -4.58
CA THR B 57 0.67 -7.41 -5.84
C THR B 57 1.27 -8.62 -6.40
N LEU B 58 0.87 -8.96 -7.58
CA LEU B 58 1.38 -10.11 -8.20
C LEU B 58 1.98 -9.62 -9.47
N ILE B 59 2.93 -10.37 -9.98
CA ILE B 59 3.51 -10.07 -11.24
C ILE B 59 2.88 -11.12 -12.08
N HIS B 60 2.41 -10.75 -13.23
CA HIS B 60 1.77 -11.72 -14.04
C HIS B 60 2.77 -12.20 -15.00
N LYS B 61 2.99 -13.49 -14.97
CA LYS B 61 4.06 -14.14 -15.63
C LYS B 61 4.03 -14.07 -17.15
N THR B 62 2.89 -14.28 -17.75
CA THR B 62 2.74 -14.15 -19.17
C THR B 62 2.95 -12.74 -19.73
N TYR B 63 2.28 -11.79 -19.12
CA TYR B 63 2.40 -10.39 -19.46
C TYR B 63 3.73 -9.86 -19.08
N GLY B 64 4.34 -10.42 -18.06
CA GLY B 64 5.60 -9.92 -17.60
C GLY B 64 5.51 -8.64 -16.79
N GLU B 65 4.35 -8.35 -16.22
CA GLU B 65 4.19 -7.15 -15.44
C GLU B 65 3.47 -7.36 -14.14
N PRO B 66 3.69 -6.48 -13.19
CA PRO B 66 2.94 -6.46 -11.97
C PRO B 66 1.55 -5.93 -12.22
N TYR B 67 0.60 -6.35 -11.41
CA TYR B 67 -0.76 -5.92 -11.50
C TYR B 67 -0.86 -4.46 -11.22
N HIS B 68 -0.02 -4.00 -10.32
CA HIS B 68 0.05 -2.64 -9.91
C HIS B 68 1.48 -2.27 -9.78
N SER B 69 1.78 -1.00 -9.66
CA SER B 69 3.18 -0.58 -9.72
C SER B 69 3.97 -0.82 -8.44
N GLN B 70 5.05 -1.55 -8.56
CA GLN B 70 5.86 -1.83 -7.41
C GLN B 70 6.55 -0.62 -6.84
N THR B 71 7.18 0.15 -7.70
CA THR B 71 7.87 1.32 -7.25
C THR B 71 6.95 2.35 -6.64
N ALA B 72 5.74 2.47 -7.15
CA ALA B 72 4.82 3.47 -6.62
C ALA B 72 3.99 3.03 -5.43
N GLY B 73 3.67 1.77 -5.36
CA GLY B 73 2.77 1.32 -4.33
C GLY B 73 1.42 1.21 -4.94
N ALA B 74 0.73 0.11 -4.69
CA ALA B 74 -0.56 -0.15 -5.27
C ALA B 74 -1.69 0.75 -4.84
N ILE B 75 -1.76 1.11 -3.59
CA ILE B 75 -2.78 2.03 -3.17
C ILE B 75 -2.51 3.40 -3.72
N ARG B 76 -1.26 3.74 -3.89
CA ARG B 76 -0.89 5.05 -4.35
C ARG B 76 -1.23 5.20 -5.79
N GLU B 77 -1.07 4.15 -6.54
CA GLU B 77 -1.45 4.16 -7.91
C GLU B 77 -2.94 4.26 -8.03
N SER B 78 -3.63 3.56 -7.17
CA SER B 78 -5.05 3.56 -7.27
C SER B 78 -5.58 4.93 -7.05
N LEU B 79 -5.11 5.55 -6.01
CA LEU B 79 -5.55 6.87 -5.67
C LEU B 79 -5.15 7.95 -6.64
N TYR B 80 -3.89 7.94 -7.03
CA TYR B 80 -3.37 9.01 -7.85
C TYR B 80 -3.44 8.86 -9.34
N LYS B 81 -3.55 7.66 -9.87
CA LYS B 81 -3.77 7.51 -11.30
C LYS B 81 -5.18 7.22 -11.70
N PHE B 82 -5.98 6.85 -10.74
CA PHE B 82 -7.39 6.56 -11.00
C PHE B 82 -8.44 7.38 -10.29
N VAL B 83 -8.41 7.69 -9.02
CA VAL B 83 -9.63 7.90 -8.29
C VAL B 83 -9.55 9.41 -8.20
N ARG B 84 -8.41 9.98 -7.88
CA ARG B 84 -8.40 11.42 -7.80
C ARG B 84 -8.59 12.13 -9.12
N PRO B 85 -7.89 11.71 -10.15
CA PRO B 85 -7.97 12.31 -11.48
C PRO B 85 -9.32 12.14 -12.14
N SER B 86 -9.98 11.05 -11.84
CA SER B 86 -11.33 10.80 -12.26
C SER B 86 -12.29 11.82 -11.71
N ARG B 87 -12.03 12.30 -10.52
CA ARG B 87 -12.84 13.35 -9.96
C ARG B 87 -14.21 12.95 -9.50
N ILE B 88 -14.41 11.66 -9.29
CA ILE B 88 -15.62 11.11 -8.81
C ILE B 88 -15.92 11.47 -7.38
N LEU B 89 -14.89 11.68 -6.60
CA LEU B 89 -15.04 12.13 -5.26
C LEU B 89 -15.65 13.50 -5.16
N GLU B 90 -15.34 14.37 -6.09
CA GLU B 90 -16.00 15.65 -6.19
C GLU B 90 -17.45 15.55 -6.52
N LYS B 91 -17.76 14.73 -7.50
CA LYS B 91 -19.13 14.51 -7.90
C LYS B 91 -19.96 13.88 -6.82
N ALA B 92 -19.34 13.04 -6.03
CA ALA B 92 -20.03 12.21 -5.11
C ALA B 92 -20.79 13.03 -4.13
N LYS B 93 -20.31 14.21 -3.86
CA LYS B 93 -20.93 15.02 -2.87
C LYS B 93 -22.35 15.38 -3.20
N GLU B 94 -22.62 15.68 -4.46
CA GLU B 94 -23.96 16.03 -4.86
C GLU B 94 -24.78 14.98 -5.58
N ARG B 95 -24.24 13.83 -5.86
CA ARG B 95 -24.88 12.90 -6.78
C ARG B 95 -25.57 11.76 -6.10
N LYS B 96 -26.70 11.36 -6.64
CA LYS B 96 -27.35 10.13 -6.25
C LYS B 96 -26.56 8.89 -6.64
N VAL B 97 -26.05 8.85 -7.85
CA VAL B 97 -25.34 7.72 -8.36
C VAL B 97 -24.03 8.10 -8.95
N ILE B 98 -23.05 7.24 -8.82
CA ILE B 98 -21.85 7.36 -9.58
C ILE B 98 -21.55 6.09 -10.32
N ARG B 99 -21.18 6.20 -11.56
CA ARG B 99 -20.99 5.05 -12.39
C ARG B 99 -19.58 4.88 -12.84
N ILE B 100 -19.08 3.67 -12.71
CA ILE B 100 -17.74 3.36 -13.14
C ILE B 100 -17.65 2.23 -14.13
N LEU B 101 -16.94 2.47 -15.20
CA LEU B 101 -16.55 1.48 -16.15
C LEU B 101 -15.11 1.09 -15.91
N ASP B 102 -14.89 -0.07 -15.37
CA ASP B 102 -13.56 -0.44 -14.96
C ASP B 102 -12.99 -1.56 -15.82
N VAL B 103 -11.93 -1.29 -16.52
CA VAL B 103 -11.41 -2.20 -17.50
C VAL B 103 -10.36 -3.01 -16.85
N GLY B 104 -10.60 -4.28 -16.65
CA GLY B 104 -9.61 -5.11 -16.04
C GLY B 104 -9.73 -5.13 -14.55
N PHE B 105 -10.54 -6.03 -14.03
CA PHE B 105 -10.84 -6.06 -12.62
C PHE B 105 -9.60 -6.33 -11.79
N GLY B 106 -8.72 -7.19 -12.25
CA GLY B 106 -7.52 -7.45 -11.51
C GLY B 106 -7.71 -8.01 -10.13
N LEU B 107 -7.13 -7.36 -9.16
CA LEU B 107 -7.27 -7.76 -7.80
C LEU B 107 -8.29 -6.92 -7.12
N GLY B 108 -8.90 -6.04 -7.90
CA GLY B 108 -9.89 -5.11 -7.44
C GLY B 108 -9.41 -3.99 -6.56
N TYR B 109 -8.15 -3.63 -6.64
CA TYR B 109 -7.61 -2.56 -5.84
C TYR B 109 -8.18 -1.22 -6.13
N ASN B 110 -8.31 -0.91 -7.41
CA ASN B 110 -8.86 0.36 -7.80
C ASN B 110 -10.26 0.48 -7.32
N LEU B 111 -11.05 -0.55 -7.50
CA LEU B 111 -12.42 -0.52 -7.07
C LEU B 111 -12.57 -0.41 -5.58
N ALA B 112 -11.76 -1.13 -4.85
CA ALA B 112 -11.77 -1.04 -3.43
C ALA B 112 -11.39 0.33 -2.95
N VAL B 113 -10.39 0.90 -3.54
CA VAL B 113 -10.01 2.19 -3.10
C VAL B 113 -11.07 3.20 -3.38
N ALA B 114 -11.68 3.11 -4.53
CA ALA B 114 -12.73 4.03 -4.88
C ALA B 114 -13.94 3.93 -4.00
N LEU B 115 -14.36 2.73 -3.71
CA LEU B 115 -15.55 2.55 -2.93
C LEU B 115 -15.37 3.16 -1.60
N LYS B 116 -14.23 2.97 -1.00
CA LYS B 116 -14.01 3.50 0.28
C LYS B 116 -14.02 5.00 0.39
N HIS B 117 -13.33 5.66 -0.49
CA HIS B 117 -13.36 7.08 -0.50
C HIS B 117 -14.67 7.65 -0.86
N LEU B 118 -15.37 7.04 -1.79
CA LEU B 118 -16.65 7.53 -2.22
C LEU B 118 -17.66 7.49 -1.12
N TRP B 119 -17.70 6.37 -0.43
CA TRP B 119 -18.59 6.16 0.67
C TRP B 119 -18.31 7.00 1.84
N GLU B 120 -17.04 7.26 2.10
CA GLU B 120 -16.67 8.19 3.12
C GLU B 120 -17.13 9.56 2.78
N VAL B 121 -16.96 9.96 1.54
CA VAL B 121 -17.48 11.23 1.12
C VAL B 121 -18.98 11.23 1.17
N ASN B 122 -19.61 10.21 0.62
CA ASN B 122 -21.03 10.10 0.71
C ASN B 122 -21.56 8.73 0.99
N PRO B 123 -22.03 8.52 2.19
CA PRO B 123 -22.57 7.24 2.63
C PRO B 123 -23.78 6.76 1.89
N LYS B 124 -24.61 7.64 1.38
CA LYS B 124 -25.80 7.22 0.72
C LYS B 124 -25.67 7.07 -0.78
N LEU B 125 -24.48 7.22 -1.30
CA LEU B 125 -24.27 7.11 -2.71
C LEU B 125 -24.40 5.72 -3.27
N ARG B 126 -25.02 5.60 -4.41
CA ARG B 126 -25.05 4.38 -5.14
C ARG B 126 -23.94 4.39 -6.13
N VAL B 127 -23.23 3.28 -6.22
CA VAL B 127 -22.17 3.16 -7.17
C VAL B 127 -22.53 2.03 -8.05
N GLU B 128 -22.54 2.27 -9.34
CA GLU B 128 -22.78 1.23 -10.28
C GLU B 128 -21.46 0.93 -10.93
N ILE B 129 -21.01 -0.32 -10.88
CA ILE B 129 -19.77 -0.70 -11.50
C ILE B 129 -19.91 -1.78 -12.53
N ILE B 130 -19.44 -1.53 -13.72
CA ILE B 130 -19.32 -2.57 -14.69
C ILE B 130 -17.87 -2.79 -14.96
N SER B 131 -17.41 -4.01 -14.82
CA SER B 131 -16.00 -4.36 -14.83
C SER B 131 -15.72 -5.52 -15.75
N PHE B 132 -14.46 -5.68 -16.13
CA PHE B 132 -14.03 -6.77 -17.01
C PHE B 132 -12.85 -7.54 -16.46
N GLU B 133 -12.91 -8.86 -16.55
CA GLU B 133 -11.77 -9.69 -16.26
C GLU B 133 -11.88 -10.86 -17.16
N LYS B 134 -10.85 -11.14 -17.91
CA LYS B 134 -10.87 -12.38 -18.62
C LYS B 134 -10.32 -13.52 -17.76
N GLU B 135 -9.73 -13.20 -16.63
CA GLU B 135 -9.13 -14.18 -15.76
C GLU B 135 -9.22 -13.83 -14.28
N LEU B 136 -10.24 -14.31 -13.60
CA LEU B 136 -10.40 -14.12 -12.17
C LEU B 136 -9.44 -14.92 -11.35
N LEU B 137 -9.05 -14.39 -10.22
CA LEU B 137 -8.08 -15.04 -9.40
C LEU B 137 -8.72 -15.41 -8.08
N LYS B 138 -8.66 -16.67 -7.71
CA LYS B 138 -9.31 -17.10 -6.54
C LYS B 138 -8.32 -17.03 -5.43
N GLU B 139 -7.14 -16.53 -5.74
CA GLU B 139 -6.14 -16.34 -4.72
C GLU B 139 -5.56 -14.96 -4.77
N PHE B 140 -6.40 -13.99 -4.41
CA PHE B 140 -6.03 -12.60 -4.32
C PHE B 140 -5.34 -12.42 -2.91
N PRO B 141 -4.48 -11.27 -3.09
CA PRO B 141 -3.83 -10.84 -1.87
C PRO B 141 -4.61 -9.69 -1.32
N ILE B 142 -5.05 -9.83 -0.09
CA ILE B 142 -5.83 -8.81 0.55
C ILE B 142 -4.98 -7.64 0.95
N LEU B 143 -5.62 -6.50 1.05
CA LEU B 143 -4.97 -5.25 1.14
C LEU B 143 -5.05 -4.80 2.52
N PRO B 144 -4.00 -4.16 2.95
CA PRO B 144 -3.89 -3.69 4.31
C PRO B 144 -4.91 -2.64 4.65
N GLU B 145 -5.19 -2.50 5.91
CA GLU B 145 -6.12 -1.52 6.34
C GLU B 145 -5.48 -0.29 5.83
N PRO B 146 -6.27 0.72 5.52
CA PRO B 146 -7.65 0.80 5.97
C PRO B 146 -8.60 0.22 4.97
N TYR B 147 -8.08 -0.41 3.94
CA TYR B 147 -8.90 -0.86 2.85
C TYR B 147 -9.35 -2.30 2.93
N ARG B 148 -8.97 -3.01 3.98
CA ARG B 148 -9.25 -4.43 4.05
C ARG B 148 -10.68 -4.87 4.08
N GLU B 149 -11.50 -4.22 4.86
CA GLU B 149 -12.87 -4.66 4.91
C GLU B 149 -13.49 -4.50 3.57
N ILE B 150 -13.23 -3.37 2.96
CA ILE B 150 -13.78 -3.03 1.69
C ILE B 150 -13.32 -3.95 0.60
N HIS B 151 -12.05 -4.29 0.60
CA HIS B 151 -11.59 -5.15 -0.42
C HIS B 151 -12.25 -6.47 -0.34
N GLU B 152 -12.33 -6.96 0.89
CA GLU B 152 -12.99 -8.22 1.15
C GLU B 152 -14.43 -8.15 0.84
N PHE B 153 -15.06 -7.04 1.19
CA PHE B 153 -16.45 -6.90 0.91
C PHE B 153 -16.65 -7.01 -0.57
N LEU B 154 -15.74 -6.41 -1.30
CA LEU B 154 -15.79 -6.47 -2.75
C LEU B 154 -15.53 -7.85 -3.30
N LEU B 155 -14.55 -8.53 -2.74
CA LEU B 155 -14.19 -9.83 -3.26
C LEU B 155 -15.30 -10.87 -3.12
N GLU B 156 -16.03 -10.78 -2.02
CA GLU B 156 -17.14 -11.67 -1.77
C GLU B 156 -18.22 -11.58 -2.80
N ARG B 157 -18.49 -10.39 -3.33
CA ARG B 157 -19.59 -10.26 -4.24
C ARG B 157 -19.28 -10.41 -5.70
N VAL B 158 -18.04 -10.64 -6.04
CA VAL B 158 -17.75 -10.84 -7.43
C VAL B 158 -18.56 -12.01 -7.85
N PRO B 159 -19.05 -12.17 -9.01
CA PRO B 159 -18.94 -11.19 -10.08
C PRO B 159 -20.16 -10.49 -10.12
N GLU B 160 -21.22 -10.69 -9.46
CA GLU B 160 -22.48 -9.98 -9.58
C GLU B 160 -23.03 -9.66 -8.24
N TYR B 161 -23.49 -8.44 -8.05
CA TYR B 161 -24.19 -8.10 -6.82
C TYR B 161 -25.13 -6.95 -7.03
N GLU B 162 -26.23 -6.93 -6.31
CA GLU B 162 -27.07 -5.77 -6.28
C GLU B 162 -27.41 -5.53 -4.85
N GLY B 163 -27.41 -4.29 -4.44
CA GLY B 163 -27.54 -3.98 -3.06
C GLY B 163 -28.02 -2.59 -3.06
N GLU B 164 -28.28 -2.04 -1.90
CA GLU B 164 -28.73 -0.71 -1.84
C GLU B 164 -27.69 0.26 -2.38
N ARG B 165 -26.46 0.15 -1.92
CA ARG B 165 -25.45 1.07 -2.33
C ARG B 165 -24.69 0.66 -3.54
N LEU B 166 -24.57 -0.62 -3.74
CA LEU B 166 -23.67 -1.10 -4.73
C LEU B 166 -24.36 -1.92 -5.76
N SER B 167 -24.19 -1.61 -7.03
CA SER B 167 -24.62 -2.50 -8.06
C SER B 167 -23.42 -2.93 -8.89
N LEU B 168 -22.94 -4.14 -8.66
CA LEU B 168 -21.67 -4.61 -9.16
C LEU B 168 -21.77 -5.73 -10.12
N LYS B 169 -21.19 -5.57 -11.28
CA LYS B 169 -21.24 -6.61 -12.25
C LYS B 169 -19.91 -6.78 -12.91
N VAL B 170 -19.16 -7.80 -12.56
CA VAL B 170 -17.97 -8.11 -13.30
C VAL B 170 -18.26 -9.13 -14.38
N LEU B 171 -17.97 -8.79 -15.61
CA LEU B 171 -18.29 -9.67 -16.67
C LEU B 171 -17.06 -10.40 -17.05
N LEU B 172 -16.99 -11.65 -16.68
CA LEU B 172 -15.89 -12.50 -17.00
C LEU B 172 -15.87 -12.75 -18.47
N GLY B 173 -14.71 -12.67 -19.08
CA GLY B 173 -14.61 -12.88 -20.49
C GLY B 173 -13.65 -11.94 -21.13
N ASP B 174 -13.82 -11.71 -22.41
CA ASP B 174 -12.92 -10.88 -23.12
C ASP B 174 -13.61 -9.58 -23.37
N ALA B 175 -13.00 -8.53 -22.91
CA ALA B 175 -13.69 -7.30 -22.80
C ALA B 175 -14.15 -6.92 -24.15
N ARG B 176 -13.44 -7.38 -25.15
CA ARG B 176 -13.75 -6.94 -26.47
C ARG B 176 -15.08 -7.45 -26.86
N LYS B 177 -15.45 -8.56 -26.26
CA LYS B 177 -16.71 -9.15 -26.57
C LYS B 177 -17.72 -8.69 -25.59
N ARG B 178 -17.40 -8.87 -24.33
CA ARG B 178 -18.38 -8.65 -23.31
C ARG B 178 -18.87 -7.21 -23.20
N ILE B 179 -18.18 -6.29 -23.85
CA ILE B 179 -18.56 -4.89 -23.82
C ILE B 179 -19.80 -4.55 -24.56
N LYS B 180 -20.01 -5.21 -25.67
CA LYS B 180 -21.05 -4.85 -26.60
C LYS B 180 -22.41 -5.02 -25.97
N GLU B 181 -22.46 -5.79 -24.91
CA GLU B 181 -23.70 -6.09 -24.26
C GLU B 181 -23.96 -5.10 -23.15
N VAL B 182 -23.27 -3.98 -23.18
CA VAL B 182 -23.46 -2.96 -22.21
C VAL B 182 -24.23 -1.84 -22.84
N GLU B 183 -25.40 -1.55 -22.31
CA GLU B 183 -26.27 -0.60 -22.93
C GLU B 183 -26.76 0.39 -21.90
N ASN B 184 -27.01 1.61 -22.34
CA ASN B 184 -27.56 2.62 -21.47
C ASN B 184 -26.72 2.90 -20.26
N PHE B 185 -25.41 2.83 -20.38
CA PHE B 185 -24.55 3.13 -19.28
C PHE B 185 -23.65 4.21 -19.74
N LYS B 186 -23.67 5.36 -19.11
CA LYS B 186 -22.66 6.34 -19.40
C LYS B 186 -21.86 6.63 -18.19
N ALA B 187 -20.64 6.13 -18.17
CA ALA B 187 -19.77 6.27 -17.02
C ALA B 187 -19.27 7.66 -16.69
N ASP B 188 -19.27 7.96 -15.42
CA ASP B 188 -18.55 9.06 -14.85
C ASP B 188 -17.04 8.91 -14.87
N ALA B 189 -16.58 7.70 -14.71
CA ALA B 189 -15.20 7.39 -14.80
C ALA B 189 -15.01 6.08 -15.48
N VAL B 190 -13.98 5.99 -16.30
CA VAL B 190 -13.50 4.74 -16.81
C VAL B 190 -12.13 4.49 -16.20
N PHE B 191 -11.98 3.41 -15.44
CA PHE B 191 -10.70 3.07 -14.94
C PHE B 191 -10.07 2.15 -15.93
N HIS B 192 -9.25 2.66 -16.79
CA HIS B 192 -8.69 1.85 -17.80
C HIS B 192 -7.41 1.29 -17.33
N ASP B 193 -7.46 0.07 -16.87
CA ASP B 193 -6.32 -0.54 -16.26
C ASP B 193 -6.03 -1.91 -16.80
N ALA B 194 -5.59 -1.97 -18.04
CA ALA B 194 -5.09 -3.18 -18.63
C ALA B 194 -3.62 -3.28 -18.36
N PHE B 195 -3.00 -4.32 -18.86
CA PHE B 195 -1.57 -4.43 -18.82
C PHE B 195 -1.05 -3.57 -19.94
N SER B 196 0.22 -3.26 -19.97
CA SER B 196 0.67 -2.25 -20.89
C SER B 196 0.45 -2.60 -22.34
N PRO B 197 0.32 -1.59 -23.17
CA PRO B 197 -0.24 -1.73 -24.49
C PRO B 197 0.50 -2.68 -25.38
N TYR B 198 1.81 -2.72 -25.33
CA TYR B 198 2.55 -3.72 -26.05
C TYR B 198 2.29 -5.12 -25.56
N LYS B 199 2.17 -5.28 -24.27
CA LYS B 199 1.78 -6.54 -23.66
C LYS B 199 0.35 -6.97 -23.88
N ASN B 200 -0.55 -6.01 -23.89
CA ASN B 200 -1.96 -6.24 -23.86
C ASN B 200 -2.68 -5.41 -24.85
N PRO B 201 -2.42 -5.62 -26.11
CA PRO B 201 -2.77 -4.73 -27.21
C PRO B 201 -4.25 -4.56 -27.48
N GLU B 202 -5.02 -5.57 -27.16
CA GLU B 202 -6.43 -5.60 -27.47
C GLU B 202 -7.23 -4.54 -26.78
N LEU B 203 -6.80 -4.12 -25.63
CA LEU B 203 -7.54 -3.14 -24.88
C LEU B 203 -7.10 -1.74 -25.12
N TRP B 204 -6.17 -1.55 -26.02
CA TRP B 204 -5.70 -0.25 -26.30
C TRP B 204 -5.89 0.23 -27.69
N THR B 205 -6.64 -0.50 -28.48
CA THR B 205 -6.91 -0.09 -29.84
C THR B 205 -7.91 1.01 -29.93
N LEU B 206 -7.90 1.69 -31.05
CA LEU B 206 -8.79 2.77 -31.34
C LEU B 206 -10.19 2.24 -31.31
N ASP B 207 -10.36 1.07 -31.89
CA ASP B 207 -11.62 0.41 -31.94
C ASP B 207 -12.16 0.00 -30.61
N PHE B 208 -11.33 -0.53 -29.74
CA PHE B 208 -11.79 -0.78 -28.41
C PHE B 208 -12.10 0.46 -27.61
N LEU B 209 -11.24 1.46 -27.72
CA LEU B 209 -11.42 2.71 -27.05
C LEU B 209 -12.65 3.36 -27.55
N SER B 210 -12.94 3.13 -28.81
CA SER B 210 -14.10 3.67 -29.42
C SER B 210 -15.37 3.15 -28.78
N LEU B 211 -15.37 1.89 -28.41
CA LEU B 211 -16.46 1.33 -27.66
C LEU B 211 -16.58 1.90 -26.29
N ILE B 212 -15.47 2.25 -25.67
CA ILE B 212 -15.45 2.91 -24.39
C ILE B 212 -16.07 4.26 -24.47
N LYS B 213 -15.80 4.96 -25.55
CA LYS B 213 -16.32 6.29 -25.72
C LYS B 213 -17.83 6.32 -25.73
N GLU B 214 -18.43 5.31 -26.31
CA GLU B 214 -19.85 5.18 -26.39
C GLU B 214 -20.45 5.06 -25.01
N ARG B 215 -19.66 4.53 -24.10
CA ARG B 215 -20.07 4.22 -22.76
C ARG B 215 -19.61 5.18 -21.65
N ILE B 216 -19.21 6.37 -22.03
CA ILE B 216 -18.76 7.40 -21.11
C ILE B 216 -19.55 8.68 -21.28
N ASP B 217 -19.98 9.26 -20.18
CA ASP B 217 -20.64 10.56 -20.14
C ASP B 217 -19.70 11.63 -20.60
N GLU B 218 -20.21 12.68 -21.20
CA GLU B 218 -19.35 13.68 -21.79
C GLU B 218 -18.45 14.40 -20.79
N LYS B 219 -18.88 14.50 -19.55
CA LYS B 219 -18.12 15.10 -18.49
C LYS B 219 -17.49 14.09 -17.64
N GLY B 220 -17.54 12.87 -18.10
CA GLY B 220 -16.86 11.79 -17.47
C GLY B 220 -15.39 11.83 -17.73
N TYR B 221 -14.65 11.09 -16.95
CA TYR B 221 -13.21 11.04 -17.05
C TYR B 221 -12.68 9.66 -17.38
N TRP B 222 -11.75 9.61 -18.32
CA TRP B 222 -11.03 8.42 -18.64
C TRP B 222 -9.67 8.53 -18.01
N VAL B 223 -9.25 7.50 -17.31
CA VAL B 223 -8.06 7.58 -16.49
C VAL B 223 -7.22 6.33 -16.58
N SER B 224 -5.93 6.46 -16.56
CA SER B 224 -5.05 5.33 -16.60
C SER B 224 -3.67 5.68 -16.14
N TYR B 225 -2.93 4.68 -15.72
CA TYR B 225 -1.53 4.79 -15.42
C TYR B 225 -0.75 5.11 -16.65
N SER B 226 -1.18 4.63 -17.77
CA SER B 226 -0.44 4.72 -19.00
C SER B 226 -0.32 6.07 -19.60
N SER B 227 0.87 6.36 -20.05
CA SER B 227 1.12 7.54 -20.82
C SER B 227 1.48 7.25 -22.26
N SER B 228 1.03 6.13 -22.80
CA SER B 228 1.43 5.67 -24.11
C SER B 228 1.07 6.61 -25.25
N LEU B 229 2.00 6.81 -26.15
CA LEU B 229 1.77 7.67 -27.26
C LEU B 229 0.67 7.17 -28.15
N SER B 230 0.61 5.89 -28.33
CA SER B 230 -0.40 5.34 -29.18
C SER B 230 -1.77 5.58 -28.63
N VAL B 231 -1.94 5.39 -27.36
CA VAL B 231 -3.19 5.60 -26.69
C VAL B 231 -3.62 7.03 -26.69
N ARG B 232 -2.71 7.91 -26.42
CA ARG B 232 -3.03 9.30 -26.43
C ARG B 232 -3.42 9.80 -27.80
N LYS B 233 -2.73 9.33 -28.81
CA LYS B 233 -3.05 9.63 -30.17
C LYS B 233 -4.39 9.09 -30.54
N SER B 234 -4.70 7.91 -30.07
CA SER B 234 -6.01 7.35 -30.24
C SER B 234 -7.06 8.14 -29.51
N LEU B 235 -6.80 8.59 -28.31
CA LEU B 235 -7.79 9.38 -27.63
C LEU B 235 -8.09 10.73 -28.31
N LEU B 236 -7.07 11.43 -28.74
CA LEU B 236 -7.29 12.67 -29.42
C LEU B 236 -8.06 12.47 -30.70
N THR B 237 -7.81 11.37 -31.38
CA THR B 237 -8.42 11.01 -32.62
C THR B 237 -9.90 10.88 -32.41
N LEU B 238 -10.25 10.40 -31.25
CA LEU B 238 -11.61 10.14 -30.90
C LEU B 238 -12.29 11.37 -30.40
N GLY B 239 -11.57 12.46 -30.29
CA GLY B 239 -12.12 13.69 -29.80
C GLY B 239 -11.94 14.08 -28.37
N PHE B 240 -11.27 13.26 -27.59
CA PHE B 240 -11.01 13.56 -26.22
C PHE B 240 -10.00 14.67 -26.10
N LYS B 241 -10.12 15.41 -25.02
CA LYS B 241 -9.10 16.30 -24.57
C LYS B 241 -8.24 15.46 -23.68
N VAL B 242 -6.95 15.60 -23.82
CA VAL B 242 -6.02 14.72 -23.21
C VAL B 242 -5.03 15.45 -22.33
N GLY B 243 -4.80 14.91 -21.16
CA GLY B 243 -4.01 15.53 -20.14
C GLY B 243 -3.26 14.50 -19.34
N SER B 244 -2.55 14.93 -18.32
CA SER B 244 -1.85 13.95 -17.53
C SER B 244 -1.93 14.12 -16.06
N SER B 245 -1.70 13.04 -15.35
CA SER B 245 -1.75 13.06 -13.92
C SER B 245 -0.38 13.05 -13.32
N ARG B 246 -0.19 13.91 -12.36
CA ARG B 246 1.09 14.03 -11.75
C ARG B 246 1.05 13.58 -10.32
N GLU B 247 1.84 12.57 -10.01
CA GLU B 247 2.01 12.14 -8.65
C GLU B 247 3.21 12.95 -8.16
N ILE B 248 2.96 13.98 -7.38
CA ILE B 248 4.07 14.85 -6.98
C ILE B 248 5.08 13.98 -6.28
N GLY B 249 6.33 14.16 -6.61
CA GLY B 249 7.40 13.29 -6.19
C GLY B 249 7.78 12.17 -7.14
N ARG B 250 7.02 11.95 -8.19
CA ARG B 250 7.49 11.03 -9.19
C ARG B 250 7.36 11.70 -10.52
N LYS B 251 8.18 11.31 -11.47
CA LYS B 251 8.08 11.88 -12.78
C LYS B 251 7.12 11.14 -13.70
N ARG B 252 6.68 9.95 -13.38
CA ARG B 252 5.73 9.27 -14.23
C ARG B 252 4.38 9.92 -14.15
N LYS B 253 3.75 10.01 -15.29
CA LYS B 253 2.49 10.65 -15.38
C LYS B 253 1.54 9.66 -15.94
N GLY B 254 0.33 9.73 -15.46
CA GLY B 254 -0.77 9.00 -16.01
C GLY B 254 -1.47 9.85 -16.98
N THR B 255 -2.60 9.38 -17.45
CA THR B 255 -3.30 10.05 -18.49
C THR B 255 -4.72 10.33 -18.09
N VAL B 256 -5.21 11.52 -18.40
CA VAL B 256 -6.56 11.93 -18.09
C VAL B 256 -7.28 12.41 -19.32
N ALA B 257 -8.44 11.83 -19.63
CA ALA B 257 -9.21 12.18 -20.80
C ALA B 257 -10.68 12.53 -20.57
N SER B 258 -11.14 13.59 -21.19
CA SER B 258 -12.54 13.94 -21.20
C SER B 258 -12.99 14.44 -22.54
N LEU B 259 -14.20 14.13 -22.93
CA LEU B 259 -14.82 14.76 -24.06
C LEU B 259 -15.12 16.21 -23.85
N LYS B 260 -15.73 16.52 -22.73
CA LYS B 260 -16.08 17.89 -22.46
C LYS B 260 -15.54 18.48 -21.18
N ALA B 261 -15.19 17.67 -20.21
CA ALA B 261 -14.76 18.21 -18.96
C ALA B 261 -13.33 18.61 -19.04
N PRO B 262 -12.94 19.54 -18.18
CA PRO B 262 -11.59 20.08 -18.16
C PRO B 262 -10.52 19.10 -17.74
N VAL B 263 -9.40 19.22 -18.39
CA VAL B 263 -8.33 18.28 -18.30
C VAL B 263 -7.01 18.95 -17.96
N PRO B 264 -6.26 18.37 -17.05
CA PRO B 264 -4.95 18.92 -16.73
C PRO B 264 -4.01 18.67 -17.86
N PRO B 265 -3.19 19.67 -18.15
CA PRO B 265 -2.46 19.79 -19.40
C PRO B 265 -1.33 18.82 -19.62
N GLU B 267 2.13 18.42 -20.64
CA GLU B 267 3.45 18.69 -20.30
C GLU B 267 4.10 18.99 -21.62
N GLU B 268 4.85 20.07 -21.68
CA GLU B 268 5.49 20.46 -22.92
C GLU B 268 6.28 19.39 -23.61
N ASN B 269 7.07 18.65 -22.85
CA ASN B 269 7.83 17.54 -23.35
C ASN B 269 6.97 16.42 -23.86
N GLU B 270 5.87 16.23 -23.20
CA GLU B 270 4.94 15.19 -23.55
C GLU B 270 4.33 15.48 -24.89
N VAL B 271 4.01 16.73 -25.12
CA VAL B 271 3.44 17.15 -26.37
C VAL B 271 4.36 16.97 -27.56
N ARG B 272 5.63 17.21 -27.35
CA ARG B 272 6.64 17.08 -28.34
C ARG B 272 6.84 15.67 -28.82
N LYS B 273 6.84 14.75 -27.89
CA LYS B 273 6.92 13.36 -28.18
C LYS B 273 5.73 12.91 -28.96
N LEU B 274 4.58 13.42 -28.57
CA LEU B 274 3.36 13.13 -29.24
C LEU B 274 3.31 13.66 -30.65
N VAL B 275 3.74 14.89 -30.85
CA VAL B 275 3.86 15.38 -32.18
C VAL B 275 4.86 14.65 -33.08
N LEU B 276 5.95 14.34 -32.51
CA LEU B 276 7.05 13.82 -33.17
C LEU B 276 7.36 12.38 -33.30
N SER B 277 6.91 11.60 -32.37
CA SER B 277 7.20 10.18 -32.44
C SER B 277 6.47 9.38 -33.45
N PRO B 278 7.18 8.46 -34.06
CA PRO B 278 6.67 7.48 -35.01
C PRO B 278 5.71 6.53 -34.38
N PHE B 279 5.97 6.27 -33.12
CA PHE B 279 5.23 5.35 -32.32
C PHE B 279 3.85 5.87 -31.94
N ALA B 280 3.60 7.14 -32.19
CA ALA B 280 2.31 7.68 -31.88
C ALA B 280 1.46 7.36 -33.07
N VAL B 281 0.79 6.25 -33.00
CA VAL B 281 0.04 5.75 -34.08
C VAL B 281 -0.96 4.92 -33.37
N PRO B 282 -2.19 4.85 -33.88
CA PRO B 282 -3.29 4.13 -33.26
C PRO B 282 -2.92 2.60 -33.65
N ARG B 284 -4.59 -0.90 -34.47
CA ARG B 284 -5.89 -1.04 -34.83
C ARG B 284 -6.50 -2.40 -34.82
N ASP B 285 -7.82 -2.58 -34.32
CA ASP B 285 -8.47 -3.89 -34.29
C ASP B 285 -9.86 -3.82 -34.89
N GLU B 286 -9.96 -3.56 -36.17
CA GLU B 286 -11.17 -3.07 -36.78
C GLU B 286 -12.38 -3.98 -36.59
N LYS B 287 -12.19 -5.27 -36.64
CA LYS B 287 -13.28 -6.15 -36.41
C LYS B 287 -13.30 -6.65 -35.00
N LEU B 288 -12.31 -6.25 -34.23
CA LEU B 288 -12.24 -6.63 -32.84
C LEU B 288 -12.17 -8.09 -32.58
N ASP B 289 -11.58 -8.84 -33.47
CA ASP B 289 -11.47 -10.28 -33.31
C ASP B 289 -10.04 -10.81 -33.23
N LYS B 290 -9.10 -9.93 -33.49
CA LYS B 290 -7.74 -10.27 -33.78
C LYS B 290 -7.01 -10.85 -32.63
N GLU B 291 -5.99 -11.60 -32.96
CA GLU B 291 -5.08 -12.08 -31.98
C GLU B 291 -4.22 -10.93 -31.51
N PRO B 292 -3.92 -10.95 -30.26
CA PRO B 292 -3.19 -9.89 -29.62
C PRO B 292 -1.82 -9.67 -30.20
N LEU B 293 -1.10 -10.70 -30.55
CA LEU B 293 0.18 -10.54 -31.21
C LEU B 293 0.02 -9.90 -32.54
N GLU B 294 -1.05 -10.23 -33.23
CA GLU B 294 -1.31 -9.69 -34.52
C GLU B 294 -1.52 -8.22 -34.50
N ILE B 295 -2.19 -7.72 -33.48
CA ILE B 295 -2.42 -6.32 -33.31
C ILE B 295 -1.12 -5.59 -33.15
N LEU B 296 -0.23 -6.20 -32.40
CA LEU B 296 1.10 -5.67 -32.23
C LEU B 296 1.90 -5.58 -33.50
N ILE B 297 1.83 -6.58 -34.35
CA ILE B 297 2.55 -6.54 -35.60
C ILE B 297 2.04 -5.47 -36.54
N ASP B 298 0.74 -5.33 -36.62
CA ASP B 298 0.20 -4.35 -37.48
C ASP B 298 0.65 -3.02 -37.04
N TYR B 299 0.70 -2.83 -35.75
CA TYR B 299 1.12 -1.57 -35.19
C TYR B 299 2.56 -1.25 -35.54
N LEU B 300 3.43 -2.23 -35.41
CA LEU B 300 4.80 -2.05 -35.77
C LEU B 300 5.00 -1.77 -37.23
N LEU B 301 4.21 -2.43 -38.07
CA LEU B 301 4.31 -2.18 -39.48
C LEU B 301 3.93 -0.76 -39.81
N LYS B 302 2.90 -0.29 -39.15
CA LYS B 302 2.44 1.06 -39.30
C LYS B 302 3.50 2.02 -38.83
N VAL B 303 4.13 1.69 -37.71
CA VAL B 303 5.11 2.57 -37.15
C VAL B 303 6.25 2.77 -38.10
N TYR B 304 6.63 1.72 -38.78
CA TYR B 304 7.81 1.79 -39.59
C TYR B 304 7.46 1.98 -41.03
N LYS B 305 6.27 2.50 -41.27
CA LYS B 305 5.83 2.86 -42.58
C LYS B 305 5.88 1.73 -43.56
N ILE B 306 5.30 0.62 -43.17
CA ILE B 306 5.30 -0.54 -44.00
C ILE B 306 3.90 -1.12 -44.16
N LYS C 2 19.07 32.29 35.23
CA LYS C 2 20.39 31.78 34.92
C LYS C 2 20.65 30.46 35.57
N ARG C 3 21.17 29.53 34.79
CA ARG C 3 21.45 28.21 35.26
C ARG C 3 22.52 28.28 36.29
N GLU C 4 23.54 29.07 36.02
CA GLU C 4 24.70 29.06 36.86
C GLU C 4 24.26 29.46 38.21
N GLU C 5 23.48 30.51 38.28
CA GLU C 5 23.01 30.96 39.57
C GLU C 5 22.10 29.96 40.22
N TYR C 6 21.25 29.33 39.47
CA TYR C 6 20.32 28.41 40.07
C TYR C 6 21.09 27.27 40.69
N LEU C 7 22.06 26.81 39.95
CA LEU C 7 22.88 25.69 40.38
C LEU C 7 23.73 25.97 41.59
N LYS C 8 24.31 27.15 41.65
CA LYS C 8 25.14 27.49 42.78
C LYS C 8 24.30 27.48 44.00
N ASN C 9 23.11 27.99 43.90
CA ASN C 9 22.23 27.97 45.01
C ASN C 9 21.80 26.60 45.41
N TYR C 10 21.51 25.75 44.45
CA TYR C 10 21.03 24.44 44.78
C TYR C 10 22.14 23.75 45.52
N LEU C 11 23.36 23.96 45.08
CA LEU C 11 24.48 23.28 45.69
C LEU C 11 24.63 23.66 47.16
N GLU C 12 24.59 24.93 47.44
CA GLU C 12 24.70 25.41 48.78
C GLU C 12 23.56 24.94 49.65
N SER C 13 22.37 24.95 49.12
CA SER C 13 21.25 24.54 49.90
C SER C 13 21.35 23.08 50.32
N TYR C 14 21.83 22.25 49.40
CA TYR C 14 22.09 20.85 49.64
C TYR C 14 23.22 20.57 50.60
N LEU C 15 24.29 21.32 50.50
CA LEU C 15 25.38 21.22 51.43
C LEU C 15 24.97 21.62 52.85
N ARG C 16 24.18 22.67 52.95
CA ARG C 16 23.72 23.15 54.25
C ARG C 16 22.90 22.04 54.88
N LYS C 17 22.11 21.38 54.04
CA LYS C 17 21.27 20.30 54.46
C LYS C 17 22.04 19.09 54.94
N LYS C 18 23.10 18.76 54.23
CA LYS C 18 23.84 17.56 54.51
C LYS C 18 24.90 17.74 55.57
N GLU C 19 25.15 18.98 55.95
CA GLU C 19 26.04 19.22 57.04
C GLU C 19 27.40 18.66 56.82
N VAL C 20 27.96 18.88 55.65
CA VAL C 20 29.26 18.35 55.32
C VAL C 20 30.23 19.46 55.38
N SER C 21 31.44 19.19 55.81
CA SER C 21 32.38 20.26 56.04
C SER C 21 33.48 20.21 55.07
N LEU C 22 33.77 21.34 54.49
CA LEU C 22 34.78 21.40 53.50
C LEU C 22 35.43 22.74 53.45
N THR C 23 36.59 22.76 52.85
CA THR C 23 37.32 23.97 52.63
C THR C 23 36.80 24.67 51.44
N GLU C 24 37.17 25.92 51.32
CA GLU C 24 36.67 26.79 50.29
C GLU C 24 37.14 26.37 48.92
N GLU C 25 38.36 25.88 48.83
CA GLU C 25 38.83 25.30 47.59
C GLU C 25 38.12 24.05 47.17
N GLU C 26 37.78 23.21 48.10
CA GLU C 26 37.01 22.06 47.76
C GLU C 26 35.69 22.50 47.23
N PHE C 27 35.14 23.54 47.81
CA PHE C 27 33.84 24.00 47.42
C PHE C 27 33.92 24.47 46.01
N ASN C 28 34.99 25.15 45.71
CA ASN C 28 35.16 25.68 44.41
C ASN C 28 35.34 24.68 43.34
N VAL C 29 36.05 23.62 43.64
CA VAL C 29 36.19 22.54 42.74
C VAL C 29 34.87 21.86 42.54
N ILE C 30 34.14 21.65 43.61
CA ILE C 30 32.89 20.97 43.50
C ILE C 30 31.91 21.74 42.66
N LEU C 31 31.83 23.03 42.88
CA LEU C 31 30.95 23.85 42.12
C LEU C 31 31.34 23.89 40.69
N ARG C 32 32.62 23.96 40.44
CA ARG C 32 33.03 24.06 39.10
C ARG C 32 32.59 22.80 38.36
N GLU C 33 32.85 21.65 38.93
CA GLU C 33 32.53 20.42 38.28
C GLU C 33 31.06 20.26 38.10
N PHE C 34 30.32 20.66 39.10
CA PHE C 34 28.90 20.52 39.12
C PHE C 34 28.28 21.36 38.04
N LEU C 35 28.80 22.54 37.83
CA LEU C 35 28.29 23.37 36.79
C LEU C 35 28.50 22.76 35.45
N ARG C 36 29.70 22.26 35.23
CA ARG C 36 30.08 21.67 33.98
C ARG C 36 29.30 20.45 33.60
N PHE C 37 29.04 19.58 34.57
CA PHE C 37 28.41 18.33 34.31
C PHE C 37 26.92 18.25 34.34
N ALA C 38 26.27 19.17 35.03
CA ALA C 38 24.85 19.06 35.28
C ALA C 38 23.91 19.43 34.14
N TYR C 39 22.67 18.98 34.27
CA TYR C 39 21.60 19.30 33.35
C TYR C 39 20.95 20.64 33.59
N ASN C 40 20.13 21.09 32.65
CA ASN C 40 19.46 22.37 32.75
C ASN C 40 18.09 22.24 33.32
N PRO C 41 18.01 22.41 34.60
CA PRO C 41 16.78 22.27 35.35
C PRO C 41 15.74 23.29 34.92
N GLU C 42 16.16 24.48 34.51
CA GLU C 42 15.23 25.50 34.07
C GLU C 42 14.47 25.15 32.81
N GLU C 43 15.15 24.48 31.89
CA GLU C 43 14.60 24.12 30.59
C GLU C 43 13.63 22.98 30.55
N SER C 44 12.79 22.99 29.54
CA SER C 44 11.71 22.07 29.42
C SER C 44 11.50 21.85 27.94
N GLY C 45 10.88 20.76 27.56
CA GLY C 45 10.61 20.48 26.17
C GLY C 45 11.63 19.74 25.34
N GLN C 46 11.32 19.59 24.07
CA GLN C 46 12.10 18.82 23.16
C GLN C 46 12.31 19.63 21.91
N GLU C 47 13.34 19.33 21.16
CA GLU C 47 13.57 19.98 19.89
C GLU C 47 13.92 18.96 18.84
N ILE C 48 13.45 19.17 17.63
CA ILE C 48 13.67 18.23 16.55
C ILE C 48 15.08 18.27 16.02
N ALA C 49 15.66 17.13 15.69
CA ALA C 49 17.01 17.11 15.18
C ALA C 49 17.33 15.97 14.23
N ASP C 50 18.33 16.20 13.41
CA ASP C 50 18.75 15.24 12.42
C ASP C 50 19.71 14.20 12.93
N THR C 51 19.76 13.08 12.24
CA THR C 51 20.70 12.03 12.51
C THR C 51 21.47 11.60 11.28
N ALA C 52 22.67 11.11 11.49
CA ALA C 52 23.63 10.82 10.45
C ALA C 52 23.13 9.79 9.49
N ASP C 53 22.25 8.93 9.97
CA ASP C 53 21.69 7.88 9.15
C ASP C 53 20.30 8.24 8.65
N GLY C 54 19.92 9.48 8.84
CA GLY C 54 18.73 10.02 8.25
C GLY C 54 17.49 9.87 9.08
N SER C 55 17.59 9.13 10.16
CA SER C 55 16.53 9.07 11.12
C SER C 55 16.59 10.34 11.90
N LYS C 56 15.47 10.68 12.48
CA LYS C 56 15.34 11.90 13.22
C LYS C 56 15.41 11.58 14.67
N THR C 57 15.77 12.56 15.47
CA THR C 57 15.76 12.42 16.90
C THR C 57 15.28 13.71 17.53
N LEU C 58 15.12 13.71 18.85
CA LEU C 58 14.72 14.89 19.55
C LEU C 58 15.81 15.22 20.48
N ILE C 59 15.86 16.47 20.85
CA ILE C 59 16.84 16.89 21.81
C ILE C 59 16.10 17.42 23.00
N HIS C 60 16.40 16.88 24.17
CA HIS C 60 15.67 17.19 25.32
C HIS C 60 16.37 18.29 25.99
N LYS C 61 15.67 19.39 26.17
CA LYS C 61 16.20 20.63 26.69
C LYS C 61 16.68 20.58 28.11
N THR C 62 15.93 19.91 28.97
CA THR C 62 16.32 19.76 30.35
C THR C 62 17.60 19.00 30.48
N TYR C 63 17.65 17.87 29.82
CA TYR C 63 18.83 17.05 29.71
C TYR C 63 19.93 17.59 28.89
N GLY C 64 19.61 18.38 27.89
CA GLY C 64 20.60 18.76 26.93
C GLY C 64 21.24 17.64 26.12
N GLU C 65 20.46 16.65 25.75
CA GLU C 65 21.00 15.54 25.07
C GLU C 65 20.02 14.98 24.08
N PRO C 66 20.52 14.33 23.05
CA PRO C 66 19.66 13.70 22.06
C PRO C 66 19.12 12.42 22.57
N TYR C 67 17.91 12.09 22.16
CA TYR C 67 17.25 10.87 22.55
C TYR C 67 18.04 9.73 22.00
N HIS C 68 18.72 9.97 20.89
CA HIS C 68 19.63 9.03 20.30
C HIS C 68 20.75 9.79 19.70
N SER C 69 21.91 9.16 19.51
CA SER C 69 23.07 9.87 19.00
C SER C 69 22.97 10.42 17.60
N GLN C 70 23.26 11.70 17.45
CA GLN C 70 23.36 12.31 16.15
C GLN C 70 24.52 11.89 15.27
N THR C 71 25.71 11.84 15.81
CA THR C 71 26.84 11.39 15.02
C THR C 71 26.75 9.97 14.57
N ALA C 72 26.35 9.07 15.45
CA ALA C 72 26.15 7.69 15.09
C ALA C 72 25.02 7.41 14.14
N GLY C 73 23.90 8.06 14.38
CA GLY C 73 22.67 7.74 13.71
C GLY C 73 21.85 6.88 14.62
N ALA C 74 20.58 7.20 14.72
CA ALA C 74 19.71 6.55 15.64
C ALA C 74 19.52 5.07 15.40
N ILE C 75 19.34 4.68 14.15
CA ILE C 75 19.24 3.28 13.84
C ILE C 75 20.51 2.49 14.12
N ARG C 76 21.66 3.04 13.82
CA ARG C 76 22.91 2.39 14.13
C ARG C 76 23.08 2.22 15.61
N GLU C 77 22.71 3.23 16.37
CA GLU C 77 22.77 3.12 17.79
C GLU C 77 21.82 2.07 18.29
N SER C 78 20.62 2.06 17.78
CA SER C 78 19.70 1.07 18.29
C SER C 78 20.22 -0.30 17.96
N LEU C 79 20.63 -0.49 16.73
CA LEU C 79 21.21 -1.74 16.31
C LEU C 79 22.54 -2.11 16.91
N TYR C 80 23.49 -1.20 16.92
CA TYR C 80 24.79 -1.58 17.38
C TYR C 80 25.12 -1.41 18.85
N LYS C 81 24.36 -0.63 19.58
CA LYS C 81 24.56 -0.60 21.01
C LYS C 81 23.59 -1.54 21.80
N PHE C 82 22.43 -1.73 21.14
CA PHE C 82 21.42 -2.44 21.87
C PHE C 82 21.01 -3.80 21.36
N VAL C 83 20.83 -3.85 20.02
CA VAL C 83 20.09 -5.16 19.63
C VAL C 83 21.14 -6.23 19.38
N ARG C 84 22.18 -5.92 18.66
CA ARG C 84 23.21 -6.90 18.41
C ARG C 84 23.95 -7.42 19.61
N PRO C 85 24.41 -6.55 20.47
CA PRO C 85 25.18 -6.91 21.66
C PRO C 85 24.37 -7.71 22.65
N SER C 86 23.10 -7.45 22.61
CA SER C 86 22.12 -8.10 23.39
C SER C 86 21.97 -9.58 23.08
N ARG C 87 22.16 -9.95 21.85
CA ARG C 87 22.12 -11.34 21.44
C ARG C 87 20.75 -11.93 21.46
N ILE C 88 19.74 -11.11 21.49
CA ILE C 88 18.38 -11.59 21.36
C ILE C 88 18.12 -12.21 20.00
N LEU C 89 18.76 -11.71 18.98
CA LEU C 89 18.52 -12.26 17.69
C LEU C 89 18.96 -13.70 17.65
N GLU C 90 20.09 -13.98 18.27
CA GLU C 90 20.63 -15.30 18.31
C GLU C 90 19.78 -16.27 19.06
N LYS C 91 19.30 -15.88 20.20
CA LYS C 91 18.49 -16.75 20.98
C LYS C 91 17.20 -17.00 20.30
N ALA C 92 16.84 -16.09 19.44
CA ALA C 92 15.52 -16.04 18.83
C ALA C 92 15.20 -17.25 18.00
N LYS C 93 16.19 -17.73 17.29
CA LYS C 93 15.96 -18.81 16.40
C LYS C 93 15.52 -20.03 17.16
N GLU C 94 16.24 -20.35 18.22
CA GLU C 94 15.86 -21.43 19.11
C GLU C 94 14.62 -21.25 19.98
N ARG C 95 14.47 -20.11 20.61
CA ARG C 95 13.47 -19.90 21.64
C ARG C 95 12.10 -19.66 21.15
N LYS C 96 11.13 -19.75 22.02
CA LYS C 96 9.79 -19.44 21.64
C LYS C 96 9.35 -18.14 22.22
N VAL C 97 10.06 -17.65 23.20
CA VAL C 97 9.72 -16.40 23.83
C VAL C 97 10.96 -15.62 24.13
N ILE C 98 10.89 -14.31 24.00
CA ILE C 98 12.01 -13.48 24.32
C ILE C 98 11.59 -12.30 25.12
N ARG C 99 12.29 -12.00 26.19
CA ARG C 99 11.85 -10.98 27.12
C ARG C 99 12.77 -9.76 27.19
N ILE C 100 12.21 -8.58 27.13
CA ILE C 100 13.02 -7.38 27.13
C ILE C 100 12.64 -6.41 28.21
N LEU C 101 13.61 -5.93 28.95
CA LEU C 101 13.39 -4.86 29.89
C LEU C 101 13.96 -3.61 29.29
N ASP C 102 13.16 -2.59 29.20
CA ASP C 102 13.52 -1.40 28.48
C ASP C 102 13.51 -0.19 29.39
N VAL C 103 14.61 0.50 29.54
CA VAL C 103 14.67 1.63 30.43
C VAL C 103 14.67 2.88 29.57
N GLY C 104 13.60 3.66 29.62
CA GLY C 104 13.51 4.81 28.75
C GLY C 104 12.85 4.54 27.43
N PHE C 105 11.54 4.58 27.38
CA PHE C 105 10.82 4.29 26.17
C PHE C 105 11.19 5.26 25.09
N GLY C 106 11.37 6.50 25.46
CA GLY C 106 11.81 7.47 24.49
C GLY C 106 10.89 7.59 23.32
N LEU C 107 11.45 7.43 22.15
CA LEU C 107 10.68 7.44 20.93
C LEU C 107 10.41 6.03 20.52
N GLY C 108 10.83 5.10 21.35
CA GLY C 108 10.59 3.71 21.09
C GLY C 108 11.38 3.10 19.99
N TYR C 109 12.49 3.68 19.63
CA TYR C 109 13.33 3.17 18.58
C TYR C 109 13.94 1.83 18.87
N ASN C 110 14.43 1.64 20.06
CA ASN C 110 15.04 0.38 20.40
C ASN C 110 14.04 -0.74 20.31
N LEU C 111 12.85 -0.55 20.82
CA LEU C 111 11.86 -1.57 20.76
C LEU C 111 11.45 -1.89 19.36
N ALA C 112 11.28 -0.89 18.51
CA ALA C 112 10.95 -1.10 17.13
C ALA C 112 12.02 -1.81 16.34
N VAL C 113 13.26 -1.42 16.48
CA VAL C 113 14.29 -2.11 15.75
C VAL C 113 14.42 -3.54 16.18
N ALA C 114 14.31 -3.80 17.47
CA ALA C 114 14.44 -5.14 17.96
C ALA C 114 13.37 -6.03 17.42
N LEU C 115 12.17 -5.54 17.41
CA LEU C 115 11.05 -6.29 16.92
C LEU C 115 11.21 -6.58 15.46
N LYS C 116 11.72 -5.64 14.73
CA LYS C 116 11.79 -5.89 13.33
C LYS C 116 12.69 -7.04 13.02
N HIS C 117 13.86 -7.06 13.58
CA HIS C 117 14.75 -8.15 13.43
C HIS C 117 14.35 -9.42 14.09
N LEU C 118 13.71 -9.34 15.23
CA LEU C 118 13.32 -10.53 15.92
C LEU C 118 12.32 -11.33 15.13
N TRP C 119 11.34 -10.64 14.60
CA TRP C 119 10.37 -11.24 13.75
C TRP C 119 10.90 -11.74 12.44
N GLU C 120 11.89 -11.08 11.89
CA GLU C 120 12.53 -11.64 10.71
C GLU C 120 13.19 -12.94 11.07
N VAL C 121 13.92 -12.93 12.15
CA VAL C 121 14.62 -14.13 12.55
C VAL C 121 13.66 -15.24 12.83
N ASN C 122 12.64 -14.97 13.61
CA ASN C 122 11.63 -15.96 13.84
C ASN C 122 10.26 -15.37 14.00
N PRO C 123 9.46 -15.47 12.95
CA PRO C 123 8.16 -14.81 12.87
C PRO C 123 7.20 -15.28 13.93
N LYS C 124 7.39 -16.48 14.37
CA LYS C 124 6.52 -17.01 15.37
C LYS C 124 6.78 -16.51 16.79
N LEU C 125 7.91 -15.83 16.99
CA LEU C 125 8.36 -15.47 18.33
C LEU C 125 7.43 -14.57 19.09
N ARG C 126 7.27 -14.84 20.36
CA ARG C 126 6.41 -14.06 21.22
C ARG C 126 7.27 -13.18 22.11
N VAL C 127 6.97 -11.89 22.15
CA VAL C 127 7.83 -10.94 22.82
C VAL C 127 7.14 -10.19 23.92
N GLU C 128 7.76 -10.18 25.09
CA GLU C 128 7.22 -9.47 26.21
C GLU C 128 8.13 -8.34 26.50
N ILE C 129 7.58 -7.16 26.59
CA ILE C 129 8.36 -5.99 26.82
C ILE C 129 7.84 -5.26 28.01
N ILE C 130 8.69 -4.94 28.95
CA ILE C 130 8.32 -4.03 30.00
C ILE C 130 9.27 -2.88 29.93
N SER C 131 8.73 -1.68 29.92
CA SER C 131 9.45 -0.50 29.66
C SER C 131 8.99 0.53 30.62
N PHE C 132 9.82 1.53 30.89
CA PHE C 132 9.50 2.62 31.77
C PHE C 132 9.70 3.94 31.09
N GLU C 133 8.82 4.87 31.34
CA GLU C 133 8.88 6.20 30.79
C GLU C 133 8.29 7.11 31.83
N LYS C 134 8.92 8.23 32.06
CA LYS C 134 8.36 9.17 32.98
C LYS C 134 7.89 10.43 32.29
N GLU C 135 8.27 10.61 31.05
CA GLU C 135 7.74 11.70 30.26
C GLU C 135 7.33 11.21 28.89
N LEU C 136 6.27 10.42 28.85
CA LEU C 136 5.77 9.90 27.60
C LEU C 136 5.30 10.98 26.68
N LEU C 137 5.63 10.81 25.42
CA LEU C 137 5.47 11.81 24.41
C LEU C 137 4.17 11.60 23.64
N LYS C 138 3.47 12.69 23.36
CA LYS C 138 2.36 12.68 22.46
C LYS C 138 2.74 12.45 21.02
N GLU C 139 3.76 13.14 20.56
CA GLU C 139 4.10 13.08 19.16
C GLU C 139 5.53 12.64 18.96
N PHE C 140 5.74 11.68 18.06
CA PHE C 140 7.01 11.06 17.83
C PHE C 140 7.35 11.19 16.37
N PRO C 141 8.66 11.22 16.13
CA PRO C 141 9.00 11.04 14.75
C PRO C 141 8.88 9.58 14.44
N ILE C 142 8.65 9.36 13.19
CA ILE C 142 8.45 7.99 12.83
C ILE C 142 9.65 7.49 12.09
N LEU C 143 10.10 6.31 12.44
CA LEU C 143 11.27 5.75 11.82
C LEU C 143 11.08 5.49 10.34
N PRO C 144 12.14 5.65 9.60
CA PRO C 144 12.12 5.44 8.17
C PRO C 144 12.05 3.99 7.78
N GLU C 145 11.68 3.70 6.55
CA GLU C 145 11.74 2.36 6.08
C GLU C 145 13.17 1.97 6.17
N PRO C 146 13.43 0.76 6.62
CA PRO C 146 12.44 -0.31 6.69
C PRO C 146 11.66 -0.43 7.97
N TYR C 147 11.86 0.46 8.93
CA TYR C 147 11.32 0.26 10.26
C TYR C 147 9.99 0.90 10.52
N ARG C 148 9.49 1.59 9.52
CA ARG C 148 8.31 2.38 9.65
C ARG C 148 7.01 1.64 9.96
N GLU C 149 6.78 0.50 9.33
CA GLU C 149 5.56 -0.23 9.58
C GLU C 149 5.54 -0.68 11.00
N ILE C 150 6.67 -1.23 11.42
CA ILE C 150 6.85 -1.75 12.74
C ILE C 150 6.85 -0.71 13.84
N HIS C 151 7.47 0.43 13.59
CA HIS C 151 7.48 1.51 14.55
C HIS C 151 6.13 2.08 14.79
N GLU C 152 5.41 2.31 13.71
CA GLU C 152 4.09 2.81 13.83
C GLU C 152 3.21 1.81 14.53
N PHE C 153 3.39 0.53 14.27
CA PHE C 153 2.56 -0.46 14.88
C PHE C 153 2.71 -0.38 16.36
N LEU C 154 3.94 -0.21 16.81
CA LEU C 154 4.23 -0.11 18.21
C LEU C 154 3.67 1.11 18.91
N LEU C 155 3.78 2.26 18.28
CA LEU C 155 3.27 3.45 18.91
C LEU C 155 1.78 3.39 19.06
N GLU C 156 1.13 2.66 18.19
CA GLU C 156 -0.30 2.49 18.26
C GLU C 156 -0.68 1.81 19.56
N ARG C 157 0.10 0.84 19.97
CA ARG C 157 -0.24 0.02 21.11
C ARG C 157 0.19 0.50 22.50
N VAL C 158 0.88 1.61 22.60
CA VAL C 158 1.31 2.12 23.88
C VAL C 158 0.14 2.59 24.69
N PRO C 159 0.09 2.54 26.03
CA PRO C 159 1.15 1.85 26.74
C PRO C 159 0.91 0.41 27.07
N GLU C 160 -0.21 -0.14 27.14
CA GLU C 160 -0.44 -1.53 27.48
C GLU C 160 -1.09 -2.22 26.32
N TYR C 161 -0.55 -3.35 25.89
CA TYR C 161 -1.18 -4.11 24.85
C TYR C 161 -0.92 -5.59 24.96
N GLU C 162 -1.91 -6.42 24.65
CA GLU C 162 -1.69 -7.87 24.65
C GLU C 162 -2.12 -8.56 23.38
N GLY C 163 -1.29 -9.44 22.88
CA GLY C 163 -1.47 -10.03 21.57
C GLY C 163 -0.84 -11.40 21.44
N GLU C 164 -1.10 -12.05 20.33
CA GLU C 164 -0.58 -13.38 20.14
C GLU C 164 0.91 -13.44 20.07
N ARG C 165 1.51 -12.49 19.40
CA ARG C 165 2.95 -12.42 19.33
C ARG C 165 3.59 -11.40 20.26
N LEU C 166 2.82 -10.52 20.87
CA LEU C 166 3.43 -9.47 21.64
C LEU C 166 2.73 -9.09 22.92
N SER C 167 3.50 -8.87 23.98
CA SER C 167 2.98 -8.34 25.20
C SER C 167 3.73 -7.07 25.55
N LEU C 168 3.05 -5.96 25.69
CA LEU C 168 3.72 -4.71 25.92
C LEU C 168 3.12 -4.03 27.10
N LYS C 169 3.96 -3.58 28.00
CA LYS C 169 3.52 -2.81 29.10
C LYS C 169 4.55 -1.76 29.25
N VAL C 170 4.15 -0.50 29.22
CA VAL C 170 5.05 0.60 29.47
C VAL C 170 4.58 1.25 30.73
N LEU C 171 5.43 1.44 31.71
CA LEU C 171 4.94 1.96 32.95
C LEU C 171 5.31 3.38 33.17
N LEU C 172 4.29 4.20 33.28
CA LEU C 172 4.45 5.62 33.47
C LEU C 172 4.89 5.99 34.87
N GLY C 173 5.74 6.98 34.93
CA GLY C 173 6.32 7.42 36.17
C GLY C 173 7.80 7.15 36.31
N ASP C 174 8.34 7.51 37.45
CA ASP C 174 9.71 7.28 37.78
C ASP C 174 10.00 5.82 37.84
N ALA C 175 11.08 5.44 37.20
CA ALA C 175 11.49 4.07 37.09
C ALA C 175 11.81 3.43 38.42
N ARG C 176 12.33 4.23 39.34
CA ARG C 176 12.69 3.75 40.64
C ARG C 176 11.53 3.25 41.45
N LYS C 177 10.44 4.01 41.48
CA LYS C 177 9.24 3.49 42.08
C LYS C 177 8.67 2.38 41.26
N ARG C 178 8.51 2.62 39.99
CA ARG C 178 7.77 1.70 39.19
C ARG C 178 8.34 0.31 39.09
N ILE C 179 9.66 0.18 39.13
CA ILE C 179 10.31 -1.10 38.93
C ILE C 179 10.03 -2.14 39.97
N LYS C 180 9.74 -1.71 41.18
CA LYS C 180 9.63 -2.57 42.33
C LYS C 180 8.47 -3.47 42.09
N GLU C 181 7.66 -3.04 41.17
CA GLU C 181 6.40 -3.65 40.98
C GLU C 181 6.42 -4.65 39.86
N VAL C 182 7.60 -5.00 39.40
CA VAL C 182 7.74 -6.00 38.38
C VAL C 182 8.14 -7.30 39.03
N GLU C 183 7.38 -8.34 38.81
CA GLU C 183 7.71 -9.58 39.43
C GLU C 183 7.68 -10.69 38.44
N ASN C 184 8.46 -11.72 38.71
CA ASN C 184 8.46 -12.87 37.87
C ASN C 184 8.93 -12.52 36.51
N PHE C 185 9.65 -11.43 36.37
CA PHE C 185 10.11 -11.13 35.05
C PHE C 185 11.59 -11.29 35.04
N LYS C 186 12.11 -12.14 34.19
CA LYS C 186 13.56 -12.27 34.08
C LYS C 186 13.97 -12.03 32.66
N ALA C 187 14.53 -10.86 32.42
CA ALA C 187 14.81 -10.42 31.07
C ALA C 187 15.99 -11.05 30.40
N ASP C 188 15.79 -11.40 29.15
CA ASP C 188 16.85 -11.76 28.24
C ASP C 188 17.73 -10.59 27.87
N ALA C 189 17.15 -9.42 27.75
CA ALA C 189 17.93 -8.24 27.51
C ALA C 189 17.39 -7.09 28.29
N VAL C 190 18.26 -6.24 28.74
CA VAL C 190 17.85 -4.99 29.32
C VAL C 190 18.41 -3.92 28.45
N PHE C 191 17.57 -3.03 27.99
CA PHE C 191 18.08 -1.94 27.25
C PHE C 191 18.15 -0.79 28.18
N HIS C 192 19.34 -0.44 28.61
CA HIS C 192 19.47 0.69 29.48
C HIS C 192 19.80 1.90 28.69
N ASP C 193 18.78 2.64 28.40
CA ASP C 193 18.90 3.83 27.61
C ASP C 193 18.12 5.01 28.37
N ALA C 194 18.81 5.37 29.44
CA ALA C 194 18.53 6.61 30.05
C ALA C 194 19.43 7.61 29.40
N PHE C 195 19.25 8.85 29.75
CA PHE C 195 20.11 9.89 29.33
C PHE C 195 21.41 9.76 30.07
N SER C 196 22.39 10.52 29.67
CA SER C 196 23.75 10.33 30.07
C SER C 196 23.82 10.48 31.54
N PRO C 197 24.69 9.75 32.18
CA PRO C 197 24.63 9.59 33.62
C PRO C 197 24.78 10.86 34.41
N TYR C 198 25.63 11.77 34.01
CA TYR C 198 25.73 12.99 34.77
C TYR C 198 24.44 13.73 34.71
N LYS C 199 23.83 13.70 33.54
CA LYS C 199 22.55 14.30 33.27
C LYS C 199 21.34 13.68 33.93
N ASN C 200 21.35 12.37 34.02
CA ASN C 200 20.22 11.59 34.44
C ASN C 200 20.62 10.52 35.46
N PRO C 201 21.10 10.95 36.60
CA PRO C 201 21.78 10.09 37.56
C PRO C 201 20.99 8.98 38.24
N GLU C 202 19.70 9.17 38.41
CA GLU C 202 18.89 8.27 39.19
C GLU C 202 18.79 6.93 38.59
N LEU C 203 19.02 6.87 37.30
CA LEU C 203 18.88 5.63 36.56
C LEU C 203 20.16 4.88 36.47
N TRP C 204 21.20 5.43 37.02
CA TRP C 204 22.46 4.80 36.93
C TRP C 204 23.11 4.47 38.22
N THR C 205 22.38 4.39 39.30
CA THR C 205 23.02 4.19 40.58
C THR C 205 23.26 2.76 40.85
N LEU C 206 24.11 2.47 41.80
CA LEU C 206 24.35 1.14 42.19
C LEU C 206 23.06 0.58 42.68
N ASP C 207 22.31 1.39 43.40
CA ASP C 207 21.00 0.99 43.88
C ASP C 207 19.90 0.73 42.88
N PHE C 208 19.73 1.55 41.86
CA PHE C 208 18.83 1.22 40.78
C PHE C 208 19.25 0.01 39.96
N LEU C 209 20.53 -0.08 39.69
CA LEU C 209 21.08 -1.14 38.91
C LEU C 209 20.84 -2.45 39.62
N SER C 210 20.88 -2.41 40.93
CA SER C 210 20.64 -3.56 41.75
C SER C 210 19.24 -4.09 41.55
N LEU C 211 18.29 -3.20 41.43
CA LEU C 211 16.93 -3.58 41.15
C LEU C 211 16.78 -4.21 39.80
N ILE C 212 17.57 -3.74 38.86
CA ILE C 212 17.59 -4.32 37.56
C ILE C 212 18.10 -5.73 37.58
N LYS C 213 19.07 -5.99 38.43
CA LYS C 213 19.72 -7.27 38.50
C LYS C 213 18.70 -8.30 38.84
N GLU C 214 17.76 -7.90 39.66
CA GLU C 214 16.75 -8.76 40.15
C GLU C 214 15.95 -9.26 38.99
N ARG C 215 15.87 -8.44 37.96
CA ARG C 215 15.01 -8.69 36.86
C ARG C 215 15.69 -9.12 35.58
N ILE C 216 16.93 -9.55 35.68
CA ILE C 216 17.64 -10.05 34.54
C ILE C 216 17.98 -11.50 34.71
N ASP C 217 17.80 -12.27 33.66
CA ASP C 217 18.18 -13.65 33.62
C ASP C 217 19.71 -13.81 33.65
N GLU C 218 20.21 -14.86 34.28
CA GLU C 218 21.62 -14.99 34.52
C GLU C 218 22.29 -14.95 33.20
N LYS C 219 21.65 -15.55 32.22
CA LYS C 219 22.21 -15.66 30.90
C LYS C 219 21.86 -14.46 30.07
N GLY C 220 21.14 -13.55 30.67
CA GLY C 220 20.75 -12.31 30.04
C GLY C 220 21.82 -11.28 29.89
N TYR C 221 21.55 -10.29 29.09
CA TYR C 221 22.53 -9.28 28.74
C TYR C 221 22.01 -7.91 29.05
N TRP C 222 22.84 -7.05 29.59
CA TRP C 222 22.49 -5.69 29.88
C TRP C 222 23.28 -4.93 28.92
N VAL C 223 22.67 -4.04 28.20
CA VAL C 223 23.32 -3.47 27.07
C VAL C 223 23.15 -1.97 27.08
N SER C 224 24.18 -1.23 26.76
CA SER C 224 24.07 0.22 26.73
C SER C 224 25.08 0.96 25.87
N TYR C 225 24.71 2.15 25.46
CA TYR C 225 25.58 3.09 24.79
C TYR C 225 26.72 3.56 25.63
N SER C 226 26.49 3.67 26.93
CA SER C 226 27.45 4.23 27.85
C SER C 226 28.68 3.43 28.16
N SER C 227 29.77 4.12 28.28
CA SER C 227 31.00 3.55 28.74
C SER C 227 31.46 4.11 30.07
N SER C 228 30.52 4.57 30.88
CA SER C 228 30.77 5.26 32.13
C SER C 228 31.53 4.42 33.10
N LEU C 229 32.54 5.02 33.67
CA LEU C 229 33.33 4.36 34.65
C LEU C 229 32.56 4.03 35.88
N SER C 230 31.71 4.94 36.29
CA SER C 230 30.87 4.76 37.43
C SER C 230 29.87 3.65 37.24
N VAL C 231 29.24 3.61 36.10
CA VAL C 231 28.35 2.55 35.77
C VAL C 231 29.05 1.21 35.66
N ARG C 232 30.20 1.18 35.06
CA ARG C 232 30.93 -0.06 34.94
C ARG C 232 31.39 -0.61 36.25
N LYS C 233 31.84 0.28 37.11
CA LYS C 233 32.26 -0.04 38.44
C LYS C 233 31.11 -0.56 39.28
N SER C 234 29.93 0.01 39.14
CA SER C 234 28.73 -0.51 39.72
C SER C 234 28.33 -1.88 39.19
N LEU C 235 28.44 -2.09 37.91
CA LEU C 235 28.11 -3.38 37.36
C LEU C 235 29.02 -4.45 37.89
N LEU C 236 30.29 -4.13 38.03
CA LEU C 236 31.23 -5.05 38.58
C LEU C 236 30.93 -5.40 40.01
N THR C 237 30.54 -4.42 40.78
CA THR C 237 30.17 -4.56 42.16
C THR C 237 28.97 -5.47 42.35
N LEU C 238 28.01 -5.38 41.47
CA LEU C 238 26.86 -6.24 41.49
C LEU C 238 27.16 -7.63 41.03
N GLY C 239 28.33 -7.86 40.50
CA GLY C 239 28.67 -9.16 40.00
C GLY C 239 28.50 -9.48 38.54
N PHE C 240 28.28 -8.49 37.71
CA PHE C 240 28.26 -8.69 36.28
C PHE C 240 29.65 -8.78 35.73
N LYS C 241 29.79 -9.46 34.61
CA LYS C 241 30.96 -9.38 33.81
C LYS C 241 30.68 -8.26 32.87
N VAL C 242 31.66 -7.41 32.64
CA VAL C 242 31.48 -6.20 31.92
C VAL C 242 32.41 -6.10 30.74
N GLY C 243 31.89 -5.74 29.58
CA GLY C 243 32.69 -5.71 28.39
C GLY C 243 32.23 -4.58 27.53
N SER C 244 32.85 -4.37 26.39
CA SER C 244 32.36 -3.35 25.50
C SER C 244 31.99 -3.78 24.13
N SER C 245 31.14 -3.00 23.51
CA SER C 245 30.74 -3.21 22.15
C SER C 245 31.37 -2.18 21.26
N ARG C 246 32.04 -2.58 20.23
CA ARG C 246 32.62 -1.60 19.36
C ARG C 246 32.07 -1.86 18.01
N GLU C 247 31.68 -0.79 17.33
CA GLU C 247 31.53 -0.84 15.90
C GLU C 247 32.95 -0.84 15.43
N ILE C 248 33.22 -1.54 14.35
CA ILE C 248 34.57 -1.74 13.90
C ILE C 248 35.35 -0.47 13.50
N GLY C 249 34.72 0.48 12.85
CA GLY C 249 35.47 1.66 12.47
C GLY C 249 35.46 2.86 13.38
N ARG C 250 34.72 2.77 14.48
CA ARG C 250 34.29 3.93 15.24
C ARG C 250 34.84 3.90 16.64
N LYS C 251 35.22 5.04 17.17
CA LYS C 251 35.85 5.07 18.47
C LYS C 251 34.96 4.75 19.63
N ARG C 252 33.73 5.24 19.61
CA ARG C 252 32.87 5.09 20.75
C ARG C 252 32.46 3.66 21.00
N LYS C 253 32.43 3.27 22.25
CA LYS C 253 31.99 1.94 22.62
C LYS C 253 30.97 1.99 23.71
N GLY C 254 30.23 0.91 23.84
CA GLY C 254 29.13 0.81 24.74
C GLY C 254 29.40 -0.31 25.67
N THR C 255 28.46 -0.64 26.52
CA THR C 255 28.75 -1.63 27.50
C THR C 255 27.84 -2.81 27.33
N VAL C 256 28.38 -3.99 27.55
CA VAL C 256 27.63 -5.21 27.61
C VAL C 256 27.89 -5.88 28.94
N ALA C 257 26.86 -6.35 29.63
CA ALA C 257 27.07 -7.07 30.87
C ALA C 257 26.22 -8.31 30.95
N SER C 258 26.72 -9.32 31.62
CA SER C 258 25.94 -10.48 31.92
C SER C 258 26.42 -11.06 33.20
N LEU C 259 25.52 -11.62 33.98
CA LEU C 259 25.92 -12.39 35.15
C LEU C 259 26.68 -13.70 34.89
N LYS C 260 26.19 -14.48 33.94
CA LYS C 260 26.76 -15.76 33.62
C LYS C 260 27.21 -15.95 32.20
N ALA C 261 26.64 -15.19 31.30
CA ALA C 261 26.89 -15.31 29.88
C ALA C 261 28.15 -14.61 29.41
N PRO C 262 28.70 -15.04 28.30
CA PRO C 262 29.94 -14.47 27.79
C PRO C 262 29.81 -13.06 27.30
N VAL C 263 30.84 -12.30 27.56
CA VAL C 263 30.86 -10.89 27.35
C VAL C 263 32.13 -10.54 26.63
N PRO C 264 32.11 -9.56 25.75
CA PRO C 264 33.31 -9.20 25.00
C PRO C 264 34.19 -8.55 25.93
N PRO C 265 35.39 -8.78 25.73
CA PRO C 265 36.40 -7.92 26.30
C PRO C 265 36.59 -6.51 25.94
N GLU C 267 39.36 -4.00 26.57
CA GLU C 267 40.50 -3.30 26.09
C GLU C 267 41.40 -2.82 27.11
N GLU C 268 42.62 -2.96 27.08
CA GLU C 268 43.54 -2.64 28.16
C GLU C 268 43.36 -1.25 28.69
N ASN C 269 43.17 -0.28 27.83
CA ASN C 269 43.03 1.08 28.29
C ASN C 269 41.78 1.27 29.14
N GLU C 270 40.75 0.51 28.83
CA GLU C 270 39.54 0.58 29.57
C GLU C 270 39.65 0.09 30.99
N VAL C 271 40.29 -1.04 31.15
CA VAL C 271 40.50 -1.61 32.43
C VAL C 271 41.35 -0.71 33.24
N ARG C 272 42.29 -0.07 32.59
CA ARG C 272 43.22 0.81 33.24
C ARG C 272 42.53 2.00 33.87
N LYS C 273 41.58 2.58 33.17
CA LYS C 273 40.82 3.68 33.67
C LYS C 273 40.00 3.29 34.86
N LEU C 274 39.47 2.10 34.81
CA LEU C 274 38.64 1.55 35.84
C LEU C 274 39.33 1.34 37.15
N VAL C 275 40.53 0.85 37.08
CA VAL C 275 41.43 0.72 38.17
C VAL C 275 41.96 2.02 38.74
N LEU C 276 42.33 2.94 37.90
CA LEU C 276 43.03 4.12 38.34
C LEU C 276 42.21 5.39 38.49
N SER C 277 41.17 5.56 37.72
CA SER C 277 40.43 6.81 37.76
C SER C 277 39.55 7.05 38.98
N PRO C 278 39.57 8.26 39.49
CA PRO C 278 38.77 8.66 40.65
C PRO C 278 37.31 8.66 40.40
N PHE C 279 36.96 8.79 39.14
CA PHE C 279 35.61 8.76 38.65
C PHE C 279 35.00 7.39 38.65
N ALA C 280 35.81 6.38 38.87
CA ALA C 280 35.31 5.05 38.96
C ALA C 280 34.80 4.85 40.33
N VAL C 281 33.71 5.49 40.63
CA VAL C 281 33.06 5.38 41.90
C VAL C 281 31.72 4.95 41.65
N PRO C 282 31.08 4.10 42.40
CA PRO C 282 29.68 4.09 42.09
C PRO C 282 28.93 5.21 42.62
N ARG C 284 25.35 6.37 43.92
CA ARG C 284 24.56 5.85 44.99
C ARG C 284 23.27 6.59 45.28
N ASP C 285 22.17 5.87 45.44
CA ASP C 285 20.89 6.43 45.83
C ASP C 285 20.15 5.45 46.70
N GLU C 286 20.48 5.37 47.97
CA GLU C 286 20.07 4.29 48.84
C GLU C 286 18.59 4.12 49.05
N LYS C 287 17.85 5.21 49.17
CA LYS C 287 16.42 5.13 49.34
C LYS C 287 15.70 5.12 48.02
N LEU C 288 16.41 5.43 46.95
CA LEU C 288 15.75 5.49 45.68
C LEU C 288 14.86 6.71 45.56
N ASP C 289 15.11 7.71 46.34
CA ASP C 289 14.23 8.84 46.32
C ASP C 289 14.97 10.12 46.13
N LYS C 290 16.28 10.06 46.26
CA LYS C 290 17.12 11.21 46.07
C LYS C 290 16.83 12.04 44.84
N GLU C 291 17.00 13.33 44.98
CA GLU C 291 16.85 14.23 43.88
C GLU C 291 17.99 13.94 42.97
N PRO C 292 17.78 14.07 41.69
CA PRO C 292 18.81 13.68 40.75
C PRO C 292 20.06 14.51 40.90
N LEU C 293 19.91 15.79 41.11
CA LEU C 293 21.06 16.64 41.28
C LEU C 293 21.82 16.28 42.50
N GLU C 294 21.11 15.84 43.50
CA GLU C 294 21.73 15.53 44.73
C GLU C 294 22.67 14.39 44.53
N ILE C 295 22.24 13.42 43.75
CA ILE C 295 23.01 12.24 43.47
C ILE C 295 24.29 12.56 42.75
N LEU C 296 24.21 13.49 41.83
CA LEU C 296 25.37 13.99 41.17
C LEU C 296 26.33 14.66 42.11
N ILE C 297 25.82 15.46 43.03
CA ILE C 297 26.64 16.13 44.00
C ILE C 297 27.31 15.15 44.94
N ASP C 298 26.60 14.15 45.39
CA ASP C 298 27.16 13.17 46.26
C ASP C 298 28.28 12.46 45.59
N TYR C 299 28.11 12.22 44.32
CA TYR C 299 29.09 11.52 43.56
C TYR C 299 30.35 12.31 43.49
N LEU C 300 30.23 13.57 43.17
CA LEU C 300 31.36 14.45 43.03
C LEU C 300 32.11 14.62 44.33
N LEU C 301 31.39 14.62 45.43
CA LEU C 301 32.00 14.71 46.71
C LEU C 301 32.85 13.52 47.01
N LYS C 302 32.31 12.37 46.67
CA LYS C 302 33.00 11.12 46.85
C LYS C 302 34.20 11.08 45.99
N VAL C 303 34.05 11.59 44.79
CA VAL C 303 35.13 11.51 43.85
C VAL C 303 36.31 12.28 44.35
N TYR C 304 36.09 13.47 44.88
CA TYR C 304 37.16 14.31 45.32
C TYR C 304 37.48 14.09 46.77
N LYS C 305 36.99 13.00 47.30
CA LYS C 305 37.34 12.52 48.60
C LYS C 305 37.00 13.48 49.69
N ILE C 306 35.79 14.00 49.63
CA ILE C 306 35.40 15.06 50.52
C ILE C 306 34.35 14.68 51.52
N LYS D 2 -14.15 -44.37 5.76
CA LYS D 2 -13.24 -45.47 5.98
C LYS D 2 -12.60 -45.88 4.67
N ARG D 3 -12.17 -44.93 3.88
CA ARG D 3 -11.69 -45.21 2.55
C ARG D 3 -10.48 -46.09 2.61
N GLU D 4 -9.58 -45.83 3.51
CA GLU D 4 -8.38 -46.62 3.51
C GLU D 4 -8.76 -48.05 3.77
N GLU D 5 -9.63 -48.29 4.73
CA GLU D 5 -9.97 -49.65 4.99
C GLU D 5 -10.63 -50.28 3.80
N TYR D 6 -11.56 -49.58 3.18
CA TYR D 6 -12.28 -50.18 2.10
C TYR D 6 -11.38 -50.48 0.95
N LEU D 7 -10.51 -49.55 0.63
CA LEU D 7 -9.57 -49.73 -0.44
C LEU D 7 -8.54 -50.83 -0.19
N LYS D 8 -7.99 -50.89 1.00
CA LYS D 8 -7.02 -51.89 1.36
C LYS D 8 -7.56 -53.31 1.32
N ASN D 9 -8.77 -53.48 1.79
CA ASN D 9 -9.44 -54.75 1.68
C ASN D 9 -9.69 -55.08 0.27
N TYR D 10 -10.03 -54.07 -0.52
CA TYR D 10 -10.33 -54.31 -1.90
C TYR D 10 -9.11 -54.84 -2.55
N LEU D 11 -8.01 -54.19 -2.27
CA LEU D 11 -6.78 -54.58 -2.86
C LEU D 11 -6.44 -55.97 -2.44
N GLU D 12 -6.54 -56.24 -1.15
CA GLU D 12 -6.18 -57.53 -0.66
C GLU D 12 -7.05 -58.59 -1.24
N SER D 13 -8.33 -58.32 -1.37
CA SER D 13 -9.23 -59.27 -1.96
C SER D 13 -8.98 -59.55 -3.43
N TYR D 14 -8.65 -58.52 -4.18
CA TYR D 14 -8.34 -58.67 -5.59
C TYR D 14 -7.09 -59.46 -5.82
N LEU D 15 -6.07 -59.22 -5.05
CA LEU D 15 -4.89 -59.98 -5.21
C LEU D 15 -5.13 -61.46 -4.99
N ARG D 16 -5.96 -61.80 -4.04
CA ARG D 16 -6.26 -63.17 -3.81
C ARG D 16 -6.91 -63.78 -5.03
N LYS D 17 -7.77 -63.07 -5.71
CA LYS D 17 -8.39 -63.60 -6.90
C LYS D 17 -7.35 -63.88 -7.96
N LYS D 18 -6.43 -62.95 -8.10
CA LYS D 18 -5.34 -63.04 -9.05
C LYS D 18 -4.34 -64.14 -8.76
N GLU D 19 -4.07 -64.40 -7.50
CA GLU D 19 -3.05 -65.34 -7.14
C GLU D 19 -1.72 -64.86 -7.57
N VAL D 20 -1.52 -63.57 -7.52
CA VAL D 20 -0.21 -62.99 -7.68
C VAL D 20 0.64 -63.20 -6.48
N SER D 21 1.95 -63.32 -6.65
CA SER D 21 2.85 -63.34 -5.50
C SER D 21 3.78 -62.16 -5.40
N LEU D 22 3.87 -61.54 -4.25
CA LEU D 22 4.74 -60.40 -4.13
C LEU D 22 5.29 -60.22 -2.74
N THR D 23 6.36 -59.47 -2.63
CA THR D 23 6.96 -59.21 -1.35
C THR D 23 6.26 -58.14 -0.58
N GLU D 24 6.53 -58.12 0.71
CA GLU D 24 5.92 -57.17 1.62
C GLU D 24 6.28 -55.76 1.28
N GLU D 25 7.50 -55.55 0.80
CA GLU D 25 7.93 -54.32 0.18
C GLU D 25 7.10 -53.93 -0.90
N GLU D 26 6.96 -54.92 -1.72
CA GLU D 26 6.27 -54.70 -2.94
C GLU D 26 4.86 -54.32 -2.59
N PHE D 27 4.29 -55.01 -1.61
CA PHE D 27 2.90 -54.80 -1.26
C PHE D 27 2.62 -53.43 -0.71
N ASN D 28 3.51 -52.95 0.11
CA ASN D 28 3.31 -51.68 0.72
C ASN D 28 3.29 -50.60 -0.29
N VAL D 29 4.19 -50.71 -1.24
CA VAL D 29 4.30 -49.69 -2.23
C VAL D 29 3.06 -49.61 -3.06
N ILE D 30 2.53 -50.74 -3.48
CA ILE D 30 1.38 -50.74 -4.30
C ILE D 30 0.20 -50.17 -3.59
N LEU D 31 0.03 -50.58 -2.35
CA LEU D 31 -1.05 -50.06 -1.54
C LEU D 31 -0.89 -48.60 -1.30
N ARG D 32 0.33 -48.18 -1.13
CA ARG D 32 0.57 -46.79 -0.93
C ARG D 32 0.13 -46.01 -2.13
N GLU D 33 0.57 -46.42 -3.29
CA GLU D 33 0.20 -45.75 -4.51
C GLU D 33 -1.27 -45.82 -4.76
N PHE D 34 -1.88 -46.94 -4.44
CA PHE D 34 -3.27 -47.13 -4.68
C PHE D 34 -4.08 -46.18 -3.86
N LEU D 35 -3.78 -46.05 -2.61
CA LEU D 35 -4.57 -45.18 -1.77
C LEU D 35 -4.42 -43.79 -2.28
N ARG D 36 -3.20 -43.48 -2.67
CA ARG D 36 -2.89 -42.20 -3.16
C ARG D 36 -3.59 -41.83 -4.44
N PHE D 37 -3.47 -42.67 -5.45
CA PHE D 37 -4.11 -42.53 -6.75
C PHE D 37 -5.61 -42.71 -6.87
N ALA D 38 -6.17 -43.59 -6.08
CA ALA D 38 -7.53 -44.01 -6.30
C ALA D 38 -8.56 -43.00 -5.93
N TYR D 39 -9.76 -43.24 -6.40
CA TYR D 39 -10.91 -42.42 -6.10
C TYR D 39 -11.57 -42.76 -4.79
N ASN D 40 -12.67 -42.11 -4.47
CA ASN D 40 -13.32 -42.43 -3.22
C ASN D 40 -14.63 -43.12 -3.45
N PRO D 41 -14.62 -44.44 -3.44
CA PRO D 41 -15.80 -45.26 -3.71
C PRO D 41 -16.88 -45.16 -2.64
N GLU D 42 -16.50 -44.73 -1.47
CA GLU D 42 -17.50 -44.55 -0.44
C GLU D 42 -18.46 -43.46 -0.87
N GLU D 43 -17.93 -42.37 -1.39
CA GLU D 43 -18.71 -41.19 -1.67
C GLU D 43 -19.59 -41.17 -2.89
N SER D 44 -20.47 -40.19 -2.97
CA SER D 44 -21.28 -39.98 -4.15
C SER D 44 -21.76 -38.55 -4.16
N GLY D 45 -22.23 -38.08 -5.31
CA GLY D 45 -22.79 -36.75 -5.37
C GLY D 45 -21.88 -35.63 -5.76
N GLN D 46 -22.40 -34.43 -5.80
CA GLN D 46 -21.68 -33.32 -6.35
C GLN D 46 -21.70 -32.09 -5.44
N GLU D 47 -20.76 -31.21 -5.66
CA GLU D 47 -20.59 -30.06 -4.82
C GLU D 47 -20.20 -28.94 -5.70
N ILE D 48 -20.44 -27.70 -5.28
CA ILE D 48 -20.16 -26.55 -6.10
C ILE D 48 -18.73 -26.00 -6.06
N ALA D 49 -18.31 -25.33 -7.13
CA ALA D 49 -17.01 -24.71 -7.26
C ALA D 49 -16.99 -23.52 -8.21
N ASP D 50 -15.87 -22.81 -8.31
CA ASP D 50 -15.81 -21.63 -9.14
C ASP D 50 -14.53 -21.68 -9.91
N THR D 51 -14.43 -20.98 -11.02
CA THR D 51 -13.33 -21.26 -11.94
C THR D 51 -12.48 -20.04 -12.34
N ALA D 52 -11.30 -20.27 -12.86
CA ALA D 52 -10.34 -19.21 -13.06
C ALA D 52 -10.91 -18.17 -13.98
N ASP D 53 -11.63 -18.61 -14.99
CA ASP D 53 -12.20 -17.72 -15.97
C ASP D 53 -13.65 -17.45 -15.66
N GLY D 54 -14.09 -17.78 -14.46
CA GLY D 54 -15.41 -17.42 -14.00
C GLY D 54 -16.56 -18.33 -14.35
N SER D 55 -16.29 -19.36 -15.14
CA SER D 55 -17.28 -20.39 -15.39
C SER D 55 -17.35 -21.32 -14.20
N LYS D 56 -18.55 -21.74 -13.86
CA LYS D 56 -18.74 -22.57 -12.68
C LYS D 56 -18.36 -23.96 -12.85
N THR D 57 -18.39 -24.78 -11.80
CA THR D 57 -18.30 -26.21 -11.94
C THR D 57 -18.88 -26.92 -10.74
N LEU D 58 -18.96 -28.25 -10.85
CA LEU D 58 -19.25 -29.16 -9.79
C LEU D 58 -18.04 -29.96 -9.49
N ILE D 59 -18.05 -30.59 -8.35
CA ILE D 59 -17.03 -31.52 -7.96
C ILE D 59 -17.70 -32.83 -7.80
N HIS D 60 -17.16 -33.85 -8.40
CA HIS D 60 -17.74 -35.11 -8.25
C HIS D 60 -17.03 -35.75 -7.15
N LYS D 61 -17.80 -36.07 -6.12
CA LYS D 61 -17.29 -36.59 -4.88
C LYS D 61 -16.66 -37.94 -4.99
N THR D 62 -17.21 -38.80 -5.80
CA THR D 62 -16.66 -40.11 -5.97
C THR D 62 -15.30 -40.06 -6.57
N TYR D 63 -15.11 -39.15 -7.51
CA TYR D 63 -13.84 -39.00 -8.17
C TYR D 63 -12.97 -37.97 -7.56
N GLY D 64 -13.54 -37.10 -6.76
CA GLY D 64 -12.76 -36.08 -6.13
C GLY D 64 -12.12 -35.18 -7.12
N GLU D 65 -12.83 -34.92 -8.20
CA GLU D 65 -12.38 -34.03 -9.22
C GLU D 65 -13.49 -33.11 -9.64
N PRO D 66 -13.11 -31.93 -10.03
CA PRO D 66 -14.00 -30.97 -10.66
C PRO D 66 -14.29 -31.41 -12.06
N TYR D 67 -15.47 -31.14 -12.58
CA TYR D 67 -15.79 -31.56 -13.93
C TYR D 67 -14.88 -30.90 -14.93
N HIS D 68 -14.51 -29.66 -14.65
CA HIS D 68 -13.59 -28.94 -15.47
C HIS D 68 -12.69 -28.21 -14.55
N SER D 69 -11.57 -27.72 -15.04
CA SER D 69 -10.58 -27.15 -14.16
C SER D 69 -11.03 -25.92 -13.44
N GLN D 70 -10.69 -25.83 -12.16
CA GLN D 70 -11.06 -24.68 -11.39
C GLN D 70 -10.03 -23.59 -11.63
N THR D 71 -8.78 -23.96 -11.80
CA THR D 71 -7.74 -23.01 -12.10
C THR D 71 -7.73 -22.39 -13.48
N ALA D 72 -7.80 -23.21 -14.52
CA ALA D 72 -7.87 -22.74 -15.87
C ALA D 72 -9.30 -22.32 -16.39
N GLY D 73 -10.34 -22.75 -15.73
CA GLY D 73 -11.56 -21.99 -16.02
C GLY D 73 -12.22 -22.96 -17.03
N ALA D 74 -13.53 -23.01 -17.08
CA ALA D 74 -14.12 -24.24 -17.71
C ALA D 74 -14.09 -23.81 -19.13
N ILE D 75 -14.41 -22.55 -19.39
CA ILE D 75 -14.54 -22.13 -20.75
C ILE D 75 -13.25 -22.18 -21.49
N ARG D 76 -12.18 -21.98 -20.76
CA ARG D 76 -10.84 -22.04 -21.32
C ARG D 76 -10.38 -23.45 -21.63
N GLU D 77 -10.59 -24.35 -20.68
CA GLU D 77 -10.30 -25.74 -20.91
C GLU D 77 -10.97 -26.27 -22.16
N SER D 78 -12.27 -26.03 -22.31
CA SER D 78 -12.98 -26.50 -23.47
C SER D 78 -12.46 -25.92 -24.74
N LEU D 79 -12.26 -24.63 -24.77
CA LEU D 79 -11.69 -23.98 -25.91
C LEU D 79 -10.26 -24.34 -26.24
N TYR D 80 -9.39 -24.34 -25.26
CA TYR D 80 -8.00 -24.60 -25.59
C TYR D 80 -7.50 -26.02 -25.47
N LYS D 81 -8.16 -26.86 -24.70
CA LYS D 81 -7.80 -28.26 -24.69
C LYS D 81 -8.59 -29.00 -25.79
N PHE D 82 -9.86 -28.72 -25.95
CA PHE D 82 -10.65 -29.42 -26.87
C PHE D 82 -11.11 -28.84 -28.17
N VAL D 83 -11.47 -27.65 -28.39
CA VAL D 83 -12.20 -27.17 -29.42
C VAL D 83 -11.15 -26.81 -30.45
N ARG D 84 -10.24 -25.92 -30.11
CA ARG D 84 -9.25 -25.50 -31.07
C ARG D 84 -8.27 -26.54 -31.54
N PRO D 85 -7.72 -27.30 -30.62
CA PRO D 85 -6.80 -28.35 -31.00
C PRO D 85 -7.48 -29.43 -31.83
N SER D 86 -8.78 -29.45 -31.92
CA SER D 86 -9.46 -30.49 -32.66
C SER D 86 -9.52 -30.09 -34.10
N ARG D 87 -9.42 -28.80 -34.31
CA ARG D 87 -9.43 -28.20 -35.61
C ARG D 87 -10.73 -28.37 -36.29
N ILE D 88 -11.79 -28.50 -35.53
CA ILE D 88 -13.08 -28.49 -36.12
C ILE D 88 -13.40 -27.14 -36.71
N LEU D 89 -12.95 -26.09 -36.06
CA LEU D 89 -13.29 -24.77 -36.50
C LEU D 89 -12.75 -24.53 -37.88
N GLU D 90 -11.56 -24.97 -38.15
CA GLU D 90 -11.03 -24.81 -39.47
C GLU D 90 -11.79 -25.59 -40.50
N LYS D 91 -12.18 -26.79 -40.13
CA LYS D 91 -12.88 -27.68 -41.03
C LYS D 91 -14.24 -27.16 -41.39
N ALA D 92 -14.79 -26.35 -40.52
CA ALA D 92 -16.15 -25.92 -40.62
C ALA D 92 -16.36 -25.13 -41.87
N LYS D 93 -15.35 -24.38 -42.25
CA LYS D 93 -15.47 -23.51 -43.38
C LYS D 93 -15.72 -24.29 -44.63
N GLU D 94 -15.06 -25.42 -44.75
CA GLU D 94 -15.12 -26.15 -45.98
C GLU D 94 -16.01 -27.35 -45.95
N ARG D 95 -16.78 -27.54 -44.90
CA ARG D 95 -17.51 -28.77 -44.75
C ARG D 95 -18.94 -28.55 -44.44
N LYS D 96 -19.78 -29.50 -44.78
CA LYS D 96 -21.17 -29.32 -44.53
C LYS D 96 -21.62 -30.05 -43.29
N VAL D 97 -20.82 -31.00 -42.82
CA VAL D 97 -21.09 -31.70 -41.58
C VAL D 97 -19.90 -31.81 -40.68
N ILE D 98 -20.11 -31.65 -39.39
CA ILE D 98 -19.10 -32.02 -38.42
C ILE D 98 -19.59 -33.02 -37.40
N ARG D 99 -18.77 -34.01 -37.13
CA ARG D 99 -19.12 -35.08 -36.23
C ARG D 99 -18.21 -35.16 -35.03
N ILE D 100 -18.80 -35.22 -33.86
CA ILE D 100 -18.05 -35.29 -32.63
C ILE D 100 -18.43 -36.45 -31.76
N LEU D 101 -17.42 -37.17 -31.29
CA LEU D 101 -17.61 -38.19 -30.31
C LEU D 101 -17.22 -37.60 -29.00
N ASP D 102 -18.15 -37.52 -28.10
CA ASP D 102 -17.91 -36.88 -26.86
C ASP D 102 -17.92 -37.95 -25.80
N VAL D 103 -16.80 -38.15 -25.16
CA VAL D 103 -16.70 -39.10 -24.10
C VAL D 103 -16.93 -38.36 -22.81
N GLY D 104 -18.07 -38.60 -22.21
CA GLY D 104 -18.40 -37.98 -20.97
C GLY D 104 -19.21 -36.74 -21.14
N PHE D 105 -20.52 -36.80 -21.02
CA PHE D 105 -21.26 -35.60 -21.23
C PHE D 105 -20.93 -34.53 -20.22
N GLY D 106 -20.79 -34.92 -18.98
CA GLY D 106 -20.51 -33.98 -17.93
C GLY D 106 -21.56 -32.95 -17.80
N LEU D 107 -21.16 -31.71 -17.85
CA LEU D 107 -22.10 -30.63 -17.89
C LEU D 107 -22.26 -30.10 -19.28
N GLY D 108 -21.62 -30.67 -20.25
CA GLY D 108 -21.83 -30.23 -21.59
C GLY D 108 -21.12 -28.98 -22.03
N TYR D 109 -20.07 -28.61 -21.32
CA TYR D 109 -19.34 -27.43 -21.68
C TYR D 109 -18.67 -27.56 -22.98
N ASN D 110 -18.03 -28.67 -23.20
CA ASN D 110 -17.26 -28.83 -24.40
C ASN D 110 -18.16 -28.72 -25.57
N LEU D 111 -19.32 -29.32 -25.48
CA LEU D 111 -20.30 -29.21 -26.53
C LEU D 111 -20.89 -27.83 -26.76
N ALA D 112 -21.28 -27.14 -25.71
CA ALA D 112 -21.83 -25.82 -25.86
C ALA D 112 -20.83 -24.85 -26.43
N VAL D 113 -19.62 -24.90 -25.93
CA VAL D 113 -18.59 -24.08 -26.45
C VAL D 113 -18.28 -24.39 -27.88
N ALA D 114 -18.20 -25.65 -28.26
CA ALA D 114 -17.96 -25.99 -29.62
C ALA D 114 -19.08 -25.53 -30.52
N LEU D 115 -20.30 -25.73 -30.11
CA LEU D 115 -21.37 -25.37 -30.96
C LEU D 115 -21.38 -23.89 -31.23
N LYS D 116 -21.15 -23.10 -30.21
CA LYS D 116 -21.09 -21.67 -30.38
C LYS D 116 -20.15 -21.21 -31.46
N HIS D 117 -18.94 -21.69 -31.41
CA HIS D 117 -17.94 -21.25 -32.30
C HIS D 117 -18.07 -21.85 -33.62
N LEU D 118 -18.54 -23.06 -33.69
CA LEU D 118 -18.77 -23.70 -34.96
C LEU D 118 -19.81 -22.95 -35.78
N TRP D 119 -20.88 -22.55 -35.14
CA TRP D 119 -21.93 -21.88 -35.83
C TRP D 119 -21.55 -20.50 -36.32
N GLU D 120 -20.71 -19.84 -35.56
CA GLU D 120 -20.13 -18.59 -35.96
C GLU D 120 -19.30 -18.75 -37.17
N VAL D 121 -18.58 -19.84 -37.27
CA VAL D 121 -17.82 -20.10 -38.48
C VAL D 121 -18.65 -20.43 -39.68
N ASN D 122 -19.60 -21.31 -39.52
CA ASN D 122 -20.55 -21.59 -40.55
C ASN D 122 -21.94 -22.00 -39.95
N PRO D 123 -22.79 -20.92 -40.11
CA PRO D 123 -24.08 -21.00 -39.45
C PRO D 123 -24.98 -22.11 -39.95
N LYS D 124 -24.74 -22.61 -41.15
CA LYS D 124 -25.54 -23.66 -41.72
C LYS D 124 -24.95 -25.04 -41.56
N LEU D 125 -23.89 -25.14 -40.80
CA LEU D 125 -23.18 -26.38 -40.59
C LEU D 125 -24.00 -27.31 -39.77
N ARG D 126 -23.91 -28.58 -40.10
CA ARG D 126 -24.64 -29.61 -39.44
C ARG D 126 -23.70 -30.34 -38.53
N VAL D 127 -24.15 -30.58 -37.31
CA VAL D 127 -23.32 -31.17 -36.29
C VAL D 127 -23.96 -32.41 -35.75
N GLU D 128 -23.23 -33.51 -35.81
CA GLU D 128 -23.66 -34.79 -35.31
C GLU D 128 -22.88 -35.07 -34.06
N ILE D 129 -23.53 -35.23 -32.93
CA ILE D 129 -22.84 -35.55 -31.72
C ILE D 129 -23.29 -36.84 -31.12
N ILE D 130 -22.34 -37.67 -30.75
CA ILE D 130 -22.63 -38.81 -29.92
C ILE D 130 -21.82 -38.72 -28.67
N SER D 131 -22.51 -38.78 -27.55
CA SER D 131 -21.90 -38.58 -26.28
C SER D 131 -22.27 -39.71 -25.36
N PHE D 132 -21.48 -39.92 -24.33
CA PHE D 132 -21.73 -41.00 -23.41
C PHE D 132 -21.80 -40.50 -22.02
N GLU D 133 -22.83 -40.82 -21.29
CA GLU D 133 -22.88 -40.42 -19.92
C GLU D 133 -23.42 -41.52 -19.09
N LYS D 134 -22.76 -41.88 -18.02
CA LYS D 134 -23.32 -42.88 -17.16
C LYS D 134 -24.11 -42.36 -15.98
N GLU D 135 -24.09 -41.07 -15.76
CA GLU D 135 -24.83 -40.53 -14.67
C GLU D 135 -25.28 -39.16 -15.03
N LEU D 136 -26.25 -39.05 -15.90
CA LEU D 136 -26.66 -37.76 -16.37
C LEU D 136 -27.21 -37.00 -15.20
N LEU D 137 -27.07 -35.70 -15.26
CA LEU D 137 -27.30 -34.88 -14.11
C LEU D 137 -28.57 -34.06 -14.27
N LYS D 138 -29.37 -34.01 -13.23
CA LYS D 138 -30.59 -33.22 -13.22
C LYS D 138 -30.43 -31.72 -13.31
N GLU D 139 -29.47 -31.17 -12.57
CA GLU D 139 -29.27 -29.75 -12.56
C GLU D 139 -27.83 -29.36 -12.82
N PHE D 140 -27.64 -28.42 -13.73
CA PHE D 140 -26.32 -28.00 -14.09
C PHE D 140 -26.19 -26.52 -13.95
N PRO D 141 -25.07 -26.08 -13.43
CA PRO D 141 -24.69 -24.69 -13.39
C PRO D 141 -24.62 -24.22 -14.80
N ILE D 142 -25.04 -23.01 -15.12
CA ILE D 142 -25.07 -22.55 -16.50
C ILE D 142 -23.93 -21.63 -16.87
N LEU D 143 -23.51 -21.70 -18.12
CA LEU D 143 -22.32 -21.01 -18.57
C LEU D 143 -22.52 -19.52 -18.64
N PRO D 144 -21.45 -18.76 -18.80
CA PRO D 144 -21.53 -17.32 -18.86
C PRO D 144 -22.06 -16.83 -20.15
N GLU D 145 -22.27 -15.53 -20.11
CA GLU D 145 -23.18 -14.79 -20.90
C GLU D 145 -22.93 -14.73 -22.37
N PRO D 146 -21.70 -14.95 -22.76
CA PRO D 146 -21.38 -15.24 -24.15
C PRO D 146 -21.96 -16.57 -24.59
N TYR D 147 -21.84 -17.56 -23.70
CA TYR D 147 -22.18 -18.94 -23.98
C TYR D 147 -23.50 -19.41 -23.44
N ARG D 148 -24.20 -18.57 -22.72
CA ARG D 148 -25.36 -19.01 -21.98
C ARG D 148 -26.56 -19.57 -22.74
N GLU D 149 -26.94 -18.98 -23.84
CA GLU D 149 -28.10 -19.48 -24.53
C GLU D 149 -27.86 -20.88 -25.00
N ILE D 150 -26.74 -21.07 -25.66
CA ILE D 150 -26.46 -22.33 -26.26
C ILE D 150 -26.35 -23.44 -25.25
N HIS D 151 -25.76 -23.17 -24.11
CA HIS D 151 -25.63 -24.14 -23.10
C HIS D 151 -26.97 -24.51 -22.61
N GLU D 152 -27.80 -23.52 -22.39
CA GLU D 152 -29.12 -23.76 -21.86
C GLU D 152 -29.88 -24.61 -22.86
N PHE D 153 -29.65 -24.37 -24.12
CA PHE D 153 -30.32 -25.08 -25.14
C PHE D 153 -29.99 -26.53 -25.10
N LEU D 154 -28.73 -26.84 -24.91
CA LEU D 154 -28.30 -28.20 -24.83
C LEU D 154 -28.88 -28.93 -23.68
N LEU D 155 -28.87 -28.31 -22.52
CA LEU D 155 -29.28 -28.95 -21.31
C LEU D 155 -30.72 -29.35 -21.33
N GLU D 156 -31.53 -28.53 -21.96
CA GLU D 156 -32.93 -28.76 -22.14
C GLU D 156 -33.23 -29.94 -23.04
N ARG D 157 -32.36 -30.20 -23.99
CA ARG D 157 -32.62 -31.16 -25.01
C ARG D 157 -32.05 -32.55 -24.77
N VAL D 158 -31.38 -32.73 -23.67
CA VAL D 158 -30.72 -33.97 -23.40
C VAL D 158 -31.76 -35.01 -22.97
N PRO D 159 -31.59 -36.27 -23.33
CA PRO D 159 -30.41 -36.81 -24.01
C PRO D 159 -30.49 -36.97 -25.49
N GLU D 160 -31.60 -36.70 -26.13
CA GLU D 160 -31.58 -36.76 -27.57
C GLU D 160 -32.37 -35.66 -28.24
N TYR D 161 -31.79 -35.02 -29.23
CA TYR D 161 -32.53 -34.06 -29.98
C TYR D 161 -32.15 -34.12 -31.44
N GLU D 162 -33.12 -33.95 -32.33
CA GLU D 162 -32.86 -33.84 -33.74
C GLU D 162 -33.51 -32.62 -34.30
N GLY D 163 -32.76 -31.87 -35.08
CA GLY D 163 -33.11 -30.55 -35.53
C GLY D 163 -32.50 -30.28 -36.86
N GLU D 164 -32.79 -29.15 -37.46
CA GLU D 164 -32.26 -28.92 -38.76
C GLU D 164 -30.77 -28.86 -38.73
N ARG D 165 -30.22 -28.34 -37.66
CA ARG D 165 -28.79 -28.20 -37.61
C ARG D 165 -28.07 -29.23 -36.76
N LEU D 166 -28.71 -29.72 -35.71
CA LEU D 166 -28.01 -30.54 -34.76
C LEU D 166 -28.55 -31.93 -34.56
N SER D 167 -27.69 -32.92 -34.53
CA SER D 167 -28.07 -34.26 -34.18
C SER D 167 -27.38 -34.57 -32.89
N LEU D 168 -28.10 -34.76 -31.81
CA LEU D 168 -27.48 -35.02 -30.53
C LEU D 168 -27.97 -36.30 -29.90
N LYS D 169 -27.10 -37.24 -29.65
CA LYS D 169 -27.50 -38.40 -28.90
C LYS D 169 -26.62 -38.58 -27.70
N VAL D 170 -27.16 -38.60 -26.51
CA VAL D 170 -26.37 -38.99 -25.37
C VAL D 170 -26.80 -40.35 -24.94
N LEU D 171 -25.88 -41.28 -24.99
CA LEU D 171 -26.12 -42.65 -24.64
C LEU D 171 -25.75 -42.84 -23.24
N LEU D 172 -26.65 -43.41 -22.48
CA LEU D 172 -26.49 -43.49 -21.07
C LEU D 172 -26.09 -44.84 -20.64
N GLY D 173 -25.29 -44.92 -19.59
CA GLY D 173 -24.78 -46.16 -19.09
C GLY D 173 -23.32 -46.21 -19.35
N ASP D 174 -22.69 -47.32 -19.07
CA ASP D 174 -21.26 -47.44 -19.20
C ASP D 174 -20.88 -47.25 -20.64
N ALA D 175 -19.91 -46.41 -20.89
CA ALA D 175 -19.47 -46.13 -22.22
C ALA D 175 -18.95 -47.38 -22.89
N ARG D 176 -18.34 -48.25 -22.12
CA ARG D 176 -17.78 -49.43 -22.64
C ARG D 176 -18.82 -50.30 -23.28
N LYS D 177 -19.97 -50.44 -22.64
CA LYS D 177 -21.06 -51.13 -23.28
C LYS D 177 -21.63 -50.38 -24.43
N ARG D 178 -21.96 -49.13 -24.20
CA ARG D 178 -22.70 -48.35 -25.17
C ARG D 178 -21.97 -48.09 -26.45
N ILE D 179 -20.67 -48.03 -26.41
CA ILE D 179 -19.91 -47.68 -27.58
C ILE D 179 -20.05 -48.68 -28.71
N LYS D 180 -20.16 -49.93 -28.36
CA LYS D 180 -20.19 -50.99 -29.30
C LYS D 180 -21.38 -50.88 -30.19
N GLU D 181 -22.36 -50.09 -29.79
CA GLU D 181 -23.56 -49.87 -30.58
C GLU D 181 -23.42 -48.76 -31.59
N VAL D 182 -22.26 -48.15 -31.67
CA VAL D 182 -22.07 -47.08 -32.63
C VAL D 182 -21.41 -47.62 -33.84
N GLU D 183 -22.09 -47.45 -34.96
CA GLU D 183 -21.64 -47.98 -36.21
C GLU D 183 -21.77 -46.90 -37.20
N ASN D 184 -20.96 -46.94 -38.22
CA ASN D 184 -21.06 -45.99 -39.29
C ASN D 184 -20.83 -44.55 -38.91
N PHE D 185 -20.00 -44.31 -37.92
CA PHE D 185 -19.70 -42.97 -37.49
C PHE D 185 -18.20 -42.82 -37.49
N LYS D 186 -17.66 -41.87 -38.19
CA LYS D 186 -16.25 -41.61 -38.03
C LYS D 186 -16.09 -40.20 -37.61
N ALA D 187 -15.78 -39.97 -36.36
CA ALA D 187 -15.75 -38.65 -35.85
C ALA D 187 -14.65 -37.83 -36.41
N ASP D 188 -14.95 -36.59 -36.69
CA ASP D 188 -13.96 -35.60 -36.97
C ASP D 188 -13.12 -35.21 -35.77
N ALA D 189 -13.74 -35.14 -34.62
CA ALA D 189 -13.07 -34.93 -33.37
C ALA D 189 -13.61 -35.85 -32.30
N VAL D 190 -12.76 -36.28 -31.39
CA VAL D 190 -13.21 -36.98 -30.23
C VAL D 190 -12.78 -36.21 -29.01
N PHE D 191 -13.71 -35.79 -28.19
CA PHE D 191 -13.35 -35.10 -26.99
C PHE D 191 -13.26 -36.15 -25.94
N HIS D 192 -12.08 -36.44 -25.45
CA HIS D 192 -11.95 -37.43 -24.45
C HIS D 192 -11.88 -36.76 -23.14
N ASP D 193 -13.01 -36.67 -22.48
CA ASP D 193 -13.07 -35.96 -21.24
C ASP D 193 -13.76 -36.76 -20.17
N ALA D 194 -13.10 -37.79 -19.72
CA ALA D 194 -13.51 -38.54 -18.58
C ALA D 194 -12.81 -37.93 -17.46
N PHE D 195 -13.10 -38.38 -16.27
CA PHE D 195 -12.35 -37.98 -15.14
C PHE D 195 -11.00 -38.61 -15.28
N SER D 196 -10.06 -38.11 -14.53
CA SER D 196 -8.70 -38.40 -14.77
C SER D 196 -8.39 -39.85 -14.55
N PRO D 197 -7.36 -40.31 -15.22
CA PRO D 197 -7.16 -41.71 -15.54
C PRO D 197 -7.01 -42.62 -14.37
N TYR D 198 -6.29 -42.23 -13.36
CA TYR D 198 -6.26 -43.02 -12.16
C TYR D 198 -7.61 -43.09 -11.53
N LYS D 199 -8.36 -42.01 -11.53
CA LYS D 199 -9.72 -42.00 -11.02
C LYS D 199 -10.75 -42.72 -11.84
N ASN D 200 -10.61 -42.65 -13.15
CA ASN D 200 -11.61 -43.13 -14.05
C ASN D 200 -10.94 -43.98 -15.08
N PRO D 201 -10.42 -45.10 -14.63
CA PRO D 201 -9.59 -45.98 -15.43
C PRO D 201 -10.24 -46.59 -16.64
N GLU D 202 -11.51 -46.93 -16.60
CA GLU D 202 -12.17 -47.68 -17.65
C GLU D 202 -12.22 -46.98 -18.94
N LEU D 203 -12.13 -45.68 -18.91
CA LEU D 203 -12.24 -44.90 -20.10
C LEU D 203 -10.91 -44.56 -20.71
N TRP D 204 -9.83 -45.04 -20.13
CA TRP D 204 -8.52 -44.75 -20.67
C TRP D 204 -7.68 -45.93 -21.03
N THR D 205 -8.28 -47.08 -21.25
CA THR D 205 -7.52 -48.27 -21.55
C THR D 205 -7.13 -48.41 -22.98
N LEU D 206 -6.21 -49.29 -23.27
CA LEU D 206 -5.83 -49.54 -24.63
C LEU D 206 -7.03 -50.05 -25.30
N ASP D 207 -7.72 -50.91 -24.61
CA ASP D 207 -8.91 -51.54 -25.12
C ASP D 207 -10.07 -50.67 -25.40
N PHE D 208 -10.42 -49.78 -24.49
CA PHE D 208 -11.42 -48.80 -24.76
C PHE D 208 -11.02 -47.83 -25.85
N LEU D 209 -9.77 -47.44 -25.82
CA LEU D 209 -9.22 -46.50 -26.75
C LEU D 209 -9.29 -47.08 -28.13
N SER D 210 -9.12 -48.37 -28.19
CA SER D 210 -9.23 -49.11 -29.41
C SER D 210 -10.62 -49.04 -30.05
N LEU D 211 -11.66 -49.05 -29.24
CA LEU D 211 -13.00 -48.83 -29.74
C LEU D 211 -13.21 -47.44 -30.27
N ILE D 212 -12.58 -46.48 -29.64
CA ILE D 212 -12.65 -45.12 -30.08
C ILE D 212 -12.05 -44.98 -31.44
N LYS D 213 -10.98 -45.72 -31.68
CA LYS D 213 -10.25 -45.71 -32.91
C LYS D 213 -11.04 -46.16 -34.11
N GLU D 214 -11.93 -47.10 -33.89
CA GLU D 214 -12.85 -47.60 -34.88
C GLU D 214 -13.81 -46.52 -35.23
N ARG D 215 -13.95 -45.54 -34.36
CA ARG D 215 -14.94 -44.47 -34.55
C ARG D 215 -14.41 -43.11 -35.03
N ILE D 216 -13.12 -43.03 -35.34
CA ILE D 216 -12.50 -41.77 -35.65
C ILE D 216 -12.03 -41.76 -37.09
N ASP D 217 -12.24 -40.65 -37.75
CA ASP D 217 -11.75 -40.45 -39.07
C ASP D 217 -10.24 -40.31 -39.05
N GLU D 218 -9.62 -40.73 -40.13
CA GLU D 218 -8.20 -40.81 -40.27
C GLU D 218 -7.65 -39.44 -40.09
N LYS D 219 -8.39 -38.46 -40.55
CA LYS D 219 -7.96 -37.11 -40.44
C LYS D 219 -8.57 -36.47 -39.22
N GLY D 220 -9.19 -37.29 -38.41
CA GLY D 220 -9.77 -36.84 -37.18
C GLY D 220 -8.76 -36.53 -36.13
N TYR D 221 -9.15 -35.74 -35.16
CA TYR D 221 -8.30 -35.44 -34.07
C TYR D 221 -8.90 -35.91 -32.77
N TRP D 222 -8.11 -36.60 -31.96
CA TRP D 222 -8.45 -36.99 -30.61
C TRP D 222 -7.93 -35.96 -29.69
N VAL D 223 -8.74 -35.49 -28.81
CA VAL D 223 -8.34 -34.36 -28.06
C VAL D 223 -8.60 -34.55 -26.57
N SER D 224 -7.73 -34.06 -25.73
CA SER D 224 -7.96 -34.19 -24.32
C SER D 224 -7.15 -33.25 -23.46
N TYR D 225 -7.62 -33.00 -22.27
CA TYR D 225 -6.83 -32.32 -21.28
C TYR D 225 -5.66 -33.10 -20.79
N SER D 226 -5.75 -34.40 -20.76
CA SER D 226 -4.74 -35.22 -20.12
C SER D 226 -3.40 -35.34 -20.84
N SER D 227 -2.34 -35.25 -20.07
CA SER D 227 -1.03 -35.52 -20.60
C SER D 227 -0.51 -36.82 -20.03
N SER D 228 -1.40 -37.70 -19.68
CA SER D 228 -1.03 -38.93 -19.03
C SER D 228 -0.14 -39.77 -19.89
N LEU D 229 0.93 -40.25 -19.30
CA LEU D 229 1.88 -41.11 -19.95
C LEU D 229 1.32 -42.43 -20.34
N SER D 230 0.46 -42.98 -19.50
CA SER D 230 -0.14 -44.22 -19.80
C SER D 230 -0.94 -44.05 -21.05
N VAL D 231 -1.71 -42.98 -21.10
CA VAL D 231 -2.58 -42.70 -22.21
C VAL D 231 -1.87 -42.41 -23.52
N ARG D 232 -0.80 -41.64 -23.45
CA ARG D 232 -0.01 -41.32 -24.60
C ARG D 232 0.63 -42.54 -25.18
N LYS D 233 1.09 -43.41 -24.33
CA LYS D 233 1.71 -44.64 -24.72
C LYS D 233 0.74 -45.55 -25.40
N SER D 234 -0.48 -45.54 -24.95
CA SER D 234 -1.54 -46.28 -25.56
C SER D 234 -1.91 -45.79 -26.94
N LEU D 235 -1.97 -44.50 -27.10
CA LEU D 235 -2.24 -43.90 -28.36
C LEU D 235 -1.19 -44.22 -29.35
N LEU D 236 0.05 -44.17 -28.96
CA LEU D 236 1.12 -44.58 -29.83
C LEU D 236 1.04 -46.03 -30.19
N THR D 237 0.63 -46.85 -29.25
CA THR D 237 0.48 -48.25 -29.47
C THR D 237 -0.55 -48.53 -30.55
N LEU D 238 -1.61 -47.74 -30.56
CA LEU D 238 -2.67 -47.91 -31.51
C LEU D 238 -2.33 -47.27 -32.80
N GLY D 239 -1.16 -46.69 -32.89
CA GLY D 239 -0.75 -46.08 -34.12
C GLY D 239 -1.10 -44.64 -34.38
N PHE D 240 -1.47 -43.94 -33.35
CA PHE D 240 -1.69 -42.53 -33.45
C PHE D 240 -0.40 -41.77 -33.45
N LYS D 241 -0.46 -40.56 -33.96
CA LYS D 241 0.59 -39.60 -33.81
C LYS D 241 0.22 -38.75 -32.65
N VAL D 242 1.13 -38.57 -31.74
CA VAL D 242 0.80 -37.98 -30.48
C VAL D 242 1.54 -36.68 -30.26
N GLY D 243 0.79 -35.67 -29.88
CA GLY D 243 1.29 -34.33 -29.79
C GLY D 243 0.63 -33.69 -28.63
N SER D 244 1.04 -32.51 -28.27
CA SER D 244 0.44 -31.88 -27.14
C SER D 244 0.00 -30.51 -27.49
N SER D 245 -0.92 -29.99 -26.72
CA SER D 245 -1.55 -28.77 -27.07
C SER D 245 -1.17 -27.76 -26.06
N ARG D 246 -0.79 -26.59 -26.53
CA ARG D 246 -0.34 -25.58 -25.62
C ARG D 246 -1.32 -24.47 -25.64
N GLU D 247 -1.66 -24.04 -24.46
CA GLU D 247 -2.52 -22.94 -24.30
C GLU D 247 -1.64 -21.86 -23.79
N ILE D 248 -1.64 -20.75 -24.47
CA ILE D 248 -0.83 -19.64 -24.05
C ILE D 248 -1.30 -19.22 -22.68
N GLY D 249 -0.37 -19.02 -21.77
CA GLY D 249 -0.67 -18.55 -20.44
C GLY D 249 -0.93 -19.58 -19.39
N ARG D 250 -1.01 -20.83 -19.77
CA ARG D 250 -1.25 -21.90 -18.81
C ARG D 250 -0.17 -22.92 -18.99
N LYS D 251 0.31 -23.46 -17.88
CA LYS D 251 1.46 -24.33 -17.93
C LYS D 251 1.20 -25.69 -18.54
N ARG D 252 0.11 -26.31 -18.15
CA ARG D 252 -0.09 -27.69 -18.50
C ARG D 252 -0.59 -27.86 -19.88
N LYS D 253 0.06 -28.76 -20.60
CA LYS D 253 -0.38 -29.19 -21.89
C LYS D 253 -1.41 -30.29 -21.81
N GLY D 254 -2.06 -30.52 -22.92
CA GLY D 254 -3.04 -31.56 -23.12
C GLY D 254 -2.55 -32.34 -24.30
N THR D 255 -3.34 -33.26 -24.82
CA THR D 255 -2.87 -34.16 -25.84
C THR D 255 -3.70 -34.04 -27.09
N VAL D 256 -3.05 -34.13 -28.23
CA VAL D 256 -3.72 -34.11 -29.51
C VAL D 256 -3.28 -35.32 -30.28
N ALA D 257 -4.22 -36.08 -30.83
CA ALA D 257 -3.86 -37.25 -31.59
C ALA D 257 -4.59 -37.39 -32.91
N SER D 258 -3.94 -37.93 -33.91
CA SER D 258 -4.59 -38.29 -35.15
C SER D 258 -3.87 -39.43 -35.79
N LEU D 259 -4.56 -40.26 -36.52
CA LEU D 259 -3.91 -41.26 -37.31
C LEU D 259 -3.12 -40.77 -38.50
N LYS D 260 -3.71 -39.91 -39.30
CA LYS D 260 -3.05 -39.41 -40.47
C LYS D 260 -2.83 -37.92 -40.55
N ALA D 261 -3.54 -37.14 -39.78
CA ALA D 261 -3.37 -35.71 -39.76
C ALA D 261 -2.16 -35.31 -38.75
N PRO D 262 -1.80 -34.03 -39.13
CA PRO D 262 -0.68 -33.43 -38.44
C PRO D 262 -0.94 -33.06 -37.03
N VAL D 263 0.03 -33.27 -36.17
CA VAL D 263 -0.12 -32.91 -34.78
C VAL D 263 1.05 -32.08 -34.37
N PRO D 264 0.82 -31.23 -33.39
CA PRO D 264 1.85 -30.43 -32.79
C PRO D 264 2.76 -31.29 -31.98
N PRO D 265 4.06 -31.06 -32.07
CA PRO D 265 5.03 -31.98 -31.47
C PRO D 265 5.09 -31.50 -30.14
N GLU D 267 7.73 -32.18 -27.03
CA GLU D 267 8.73 -31.25 -26.69
C GLU D 267 9.71 -32.13 -25.96
N GLU D 268 10.99 -31.90 -26.24
CA GLU D 268 11.81 -33.03 -25.92
C GLU D 268 11.60 -33.61 -24.54
N ASN D 269 11.20 -32.78 -23.60
CA ASN D 269 11.07 -33.13 -22.22
C ASN D 269 9.93 -34.10 -21.99
N GLU D 270 8.83 -33.92 -22.72
CA GLU D 270 7.71 -34.83 -22.73
C GLU D 270 8.08 -36.17 -23.31
N VAL D 271 8.87 -36.14 -24.34
CA VAL D 271 9.34 -37.34 -24.95
C VAL D 271 10.23 -38.17 -24.04
N ARG D 272 11.07 -37.54 -23.26
CA ARG D 272 11.95 -38.25 -22.39
C ARG D 272 11.12 -39.04 -21.41
N LYS D 273 10.11 -38.42 -20.87
CA LYS D 273 9.24 -39.08 -19.94
C LYS D 273 8.51 -40.25 -20.57
N LEU D 274 8.07 -40.09 -21.80
CA LEU D 274 7.41 -41.17 -22.49
C LEU D 274 8.30 -42.36 -22.73
N VAL D 275 9.54 -42.10 -23.05
CA VAL D 275 10.59 -43.11 -23.03
C VAL D 275 11.06 -43.66 -21.69
N LEU D 276 11.25 -42.81 -20.70
CA LEU D 276 11.91 -43.28 -19.49
C LEU D 276 11.03 -43.69 -18.36
N SER D 277 9.83 -43.16 -18.30
CA SER D 277 8.97 -43.43 -17.18
C SER D 277 8.42 -44.83 -17.15
N PRO D 278 8.42 -45.40 -15.97
CA PRO D 278 7.85 -46.69 -15.65
C PRO D 278 6.38 -46.62 -15.85
N PHE D 279 5.84 -45.45 -15.61
CA PHE D 279 4.44 -45.16 -15.73
C PHE D 279 3.89 -45.18 -17.12
N ALA D 280 4.75 -45.09 -18.10
CA ALA D 280 4.29 -45.08 -19.45
C ALA D 280 4.02 -46.48 -19.86
N VAL D 281 2.99 -47.01 -19.30
CA VAL D 281 2.61 -48.37 -19.58
C VAL D 281 1.13 -48.21 -19.79
N PRO D 282 0.67 -49.09 -20.82
CA PRO D 282 -0.76 -49.19 -21.09
C PRO D 282 -1.38 -49.77 -19.95
N ARG D 284 -5.03 -51.71 -19.13
CA ARG D 284 -5.57 -52.64 -19.99
C ARG D 284 -6.91 -53.05 -19.39
N ASP D 285 -7.87 -53.39 -20.25
CA ASP D 285 -9.15 -53.92 -19.85
C ASP D 285 -9.67 -54.90 -20.88
N GLU D 286 -9.11 -56.06 -20.91
CA GLU D 286 -9.24 -56.91 -22.05
C GLU D 286 -10.68 -57.30 -22.43
N LYS D 287 -11.59 -57.48 -21.48
CA LYS D 287 -12.97 -57.74 -21.80
C LYS D 287 -13.92 -56.57 -21.68
N LEU D 288 -13.43 -55.45 -21.22
CA LEU D 288 -14.21 -54.24 -21.09
C LEU D 288 -15.27 -54.35 -20.02
N ASP D 289 -15.04 -55.24 -19.10
CA ASP D 289 -15.96 -55.41 -18.02
C ASP D 289 -15.28 -55.28 -16.69
N LYS D 290 -13.99 -55.06 -16.69
CA LYS D 290 -13.29 -55.03 -15.44
C LYS D 290 -13.70 -53.90 -14.52
N GLU D 291 -13.66 -54.13 -13.25
CA GLU D 291 -14.00 -53.10 -12.31
C GLU D 291 -12.95 -52.07 -12.36
N PRO D 292 -13.33 -50.83 -12.19
CA PRO D 292 -12.38 -49.76 -12.40
C PRO D 292 -11.23 -49.83 -11.46
N LEU D 293 -11.44 -50.19 -10.22
CA LEU D 293 -10.37 -50.23 -9.27
C LEU D 293 -9.37 -51.26 -9.68
N GLU D 294 -9.87 -52.32 -10.27
CA GLU D 294 -9.06 -53.37 -10.76
C GLU D 294 -8.13 -52.99 -11.88
N ILE D 295 -8.60 -52.16 -12.78
CA ILE D 295 -7.77 -51.74 -13.85
C ILE D 295 -6.61 -50.98 -13.28
N LEU D 296 -6.87 -50.16 -12.30
CA LEU D 296 -5.83 -49.39 -11.70
C LEU D 296 -4.76 -50.22 -11.03
N ILE D 297 -5.17 -51.23 -10.29
CA ILE D 297 -4.26 -52.14 -9.66
C ILE D 297 -3.45 -52.93 -10.65
N ASP D 298 -4.05 -53.42 -11.69
CA ASP D 298 -3.32 -54.19 -12.63
C ASP D 298 -2.23 -53.32 -13.16
N TYR D 299 -2.52 -52.06 -13.31
CA TYR D 299 -1.58 -51.10 -13.80
C TYR D 299 -0.43 -50.86 -12.88
N LEU D 300 -0.70 -50.66 -11.62
CA LEU D 300 0.35 -50.39 -10.69
C LEU D 300 1.22 -51.59 -10.64
N LEU D 301 0.62 -52.75 -10.75
CA LEU D 301 1.41 -53.95 -10.73
C LEU D 301 2.35 -53.97 -11.89
N LYS D 302 1.89 -53.56 -13.06
CA LYS D 302 2.76 -53.51 -14.20
C LYS D 302 3.87 -52.52 -14.01
N VAL D 303 3.54 -51.36 -13.48
CA VAL D 303 4.50 -50.31 -13.33
C VAL D 303 5.62 -50.75 -12.42
N TYR D 304 5.31 -51.50 -11.40
CA TYR D 304 6.33 -51.90 -10.48
C TYR D 304 6.89 -53.26 -10.82
N LYS D 305 6.48 -53.77 -11.94
CA LYS D 305 7.07 -54.97 -12.44
C LYS D 305 6.94 -56.06 -11.44
N ILE D 306 5.94 -55.96 -10.61
CA ILE D 306 5.48 -57.10 -9.88
C ILE D 306 4.83 -57.87 -10.97
N SER D 307 4.92 -57.37 -12.16
CA SER D 307 4.28 -58.03 -13.24
C SER D 307 4.21 -57.16 -14.47
#